data_8QAT
#
_entry.id   8QAT
#
loop_
_entity.id
_entity.type
_entity.pdbx_description
1 polymer 'Protein Hook homolog 3'
2 polymer 'FHF complex subunit HOOK-interacting protein 1B'
3 polymer 'AKT-interacting protein'
#
loop_
_entity_poly.entity_id
_entity_poly.type
_entity_poly.pdbx_seq_one_letter_code
_entity_poly.pdbx_strand_id
1 'polypeptide(L)'
;DLEPRFNNSSLKIEELQEALRKKEEEMKQMEERYKKYLEKAKSVIRTLDPKQNQGAAPEIQALKNQLQERDRLFHSLEKE
YEKTKSQREMEEKYIVSAWYNMGMTLHKKAAEDRLASTGSGQSFLARQRQATSSRRSYPGHVQPATAR
;
A,B
2 'polypeptide(L)'
;MERMNWLSRLASRGPGHRIPQGANLQTPVMADPETCLMVFKNHWSQVVRILERQGPRAAPGGADDLSAVRNHTYQMLTLL
AEDRAVPSAPTGPGPLLEFALHEDLLTRVLTWQLQWDELGDGVEERRAEQLKLFEMLVSEARQPLLRHGPVREALLTLLD
ACGRPVPSSPALDEGLVLLLSQLCVCVAQEPSLLEFFLQPPPEPGAAPRLLLFSRLVPFVHLEGTLGQQARDALLLLMAL
SAGSPTVGRYIADHSYFCPVLATGLSALYSSLPRKIEVPGDDWHCLRREDWLGVPALALFMSSLEFCNAVIQVAHPLVQK
QLVDYIHNGFLVPVMGPALHKTSVEEMIASTAYLELFLRSISEPALLRTFLRFLLLHRHDTHTILDTLVARIGSNSRLCM
VSLSLFRTLLNLSCEDVLLQLVLRYLVPCNHVMLSQKPAVRDVDLYGRAADKFLSLIPRCCRHHAPSPPRPEHASWARGP
GSPSVDSSSVTTVPRPSTPSRLALFLRQQSLGGSESPGPAPCSPGLSASPASSPGRRPTPAEEPGELEDNYLEYLREARR
GVDRCVRACRTWSAPYDGERPSPEPSPFGSRTKKRSLLPEEDRNNVGEGEEEELGRRGRAGGAGEGPGHLPPPQLNGVPG
SWPEGAKKVRLVPKEGAGELLEGISEGMAGLEGFGQELRELEVALSNGGTGSESPLEPPLPLEEEEAYESFTCPPEPPGP
FLSSPLRTLNQLPSQPFTGPFMAVLFAKLENMLQNSVYVNFLLTGLVAQLACHPQPLLRSFLLNTNMVFQPSVKSLLQVL
GSVKNKIENFAASQEDFPALLSKAKKYLIARGKLDWAEGPAAGPAPRRSDPLVKSRRPSLGELLLRHAHSPTRARQAAQL
VLQPGRDGAGLGLSGGSPGASTPVLLTRGGAPERQGEALRVKNAVYCAVIFPEFLKELAAISQAHAVTSPFLLETSEEGS
GPLISGCGPLNP
;
C
3 'polypeptide(L)'
;MNPFWSMSTSSVRKRSEGEEKTLTGDVKTSPPRTAPKKQLPSIPKNALPITKPTSPAPAAQSTNGTHASYGPFYLEYSLL
AEFTLVVKQKLPGVYVQPSYRSALMWFGVIFIRHGLYQDGVFKFTVYIPDNYPDGDCPRLVFDIPVFHPLVDPTSGELDV
KRAFAKWRRNHNHIWQVLMYARRVFYKIDTASPLNPEAAVLYEKDIQLFKSKVVDSVKVCTARLFDQPKIEDPYAISFSP
WNPSVHDEAREKMLTQKKPEEQHNKSVHVAGLSWVKPGSVQPFSKEEKTVAT
;
D
#
# COMPACT_ATOMS: atom_id res chain seq x y z
N ALA A 57 21.89 -9.92 -74.82
CA ALA A 57 20.48 -9.61 -74.58
C ALA A 57 19.62 -10.73 -73.96
N PRO A 58 19.79 -12.03 -74.28
CA PRO A 58 19.07 -13.06 -73.51
C PRO A 58 19.40 -13.09 -72.02
N GLU A 59 20.62 -12.70 -71.63
CA GLU A 59 20.90 -12.55 -70.20
C GLU A 59 20.25 -11.27 -69.65
N ILE A 60 20.22 -10.23 -70.48
CA ILE A 60 19.73 -8.91 -70.06
C ILE A 60 18.24 -8.97 -69.78
N GLN A 61 17.48 -9.69 -70.63
CA GLN A 61 16.03 -9.77 -70.43
C GLN A 61 15.67 -10.55 -69.17
N ALA A 62 16.42 -11.60 -68.85
CA ALA A 62 16.16 -12.36 -67.63
C ALA A 62 16.54 -11.56 -66.38
N LEU A 63 17.66 -10.83 -66.45
CA LEU A 63 18.08 -10.01 -65.31
C LEU A 63 17.11 -8.85 -65.06
N LYS A 64 16.63 -8.21 -66.13
CA LYS A 64 15.63 -7.17 -65.95
C LYS A 64 14.27 -7.76 -65.58
N ASN A 65 14.03 -9.03 -65.90
CA ASN A 65 12.80 -9.70 -65.46
C ASN A 65 12.80 -9.90 -63.95
N GLN A 66 13.91 -10.38 -63.39
CA GLN A 66 13.94 -10.55 -61.93
C GLN A 66 14.04 -9.20 -61.22
N LEU A 67 14.62 -8.21 -61.90
CA LEU A 67 14.61 -6.83 -61.39
C LEU A 67 13.19 -6.28 -61.31
N GLN A 68 12.38 -6.52 -62.34
CA GLN A 68 11.00 -6.05 -62.33
C GLN A 68 10.15 -6.84 -61.35
N GLU A 69 10.46 -8.11 -61.12
CA GLU A 69 9.76 -8.87 -60.08
C GLU A 69 10.11 -8.35 -58.70
N ARG A 70 11.37 -7.94 -58.50
CA ARG A 70 11.77 -7.25 -57.28
C ARG A 70 10.98 -5.96 -57.08
N ASP A 71 10.80 -5.18 -58.16
CA ASP A 71 10.02 -3.95 -58.06
C ASP A 71 8.54 -4.25 -57.79
N ARG A 72 8.04 -5.37 -58.32
CA ARG A 72 6.66 -5.78 -58.08
C ARG A 72 6.43 -6.11 -56.60
N LEU A 73 7.33 -6.89 -56.00
CA LEU A 73 7.20 -7.20 -54.58
C LEU A 73 7.42 -5.96 -53.71
N PHE A 74 8.27 -5.04 -54.17
CA PHE A 74 8.45 -3.77 -53.47
C PHE A 74 7.16 -2.95 -53.46
N HIS A 75 6.47 -2.90 -54.59
CA HIS A 75 5.20 -2.16 -54.67
C HIS A 75 4.11 -2.84 -53.83
N SER A 76 4.12 -4.18 -53.81
CA SER A 76 3.14 -4.92 -53.00
C SER A 76 3.34 -4.67 -51.51
N LEU A 77 4.59 -4.70 -51.03
CA LEU A 77 4.84 -4.38 -49.64
C LEU A 77 4.60 -2.91 -49.34
N GLU A 78 4.78 -2.04 -50.33
CA GLU A 78 4.46 -0.62 -50.17
C GLU A 78 2.98 -0.41 -49.91
N LYS A 79 2.11 -1.00 -50.74
CA LYS A 79 0.67 -0.80 -50.56
C LYS A 79 0.16 -1.53 -49.31
N GLU A 80 0.76 -2.68 -48.97
CA GLU A 80 0.36 -3.39 -47.75
C GLU A 80 0.73 -2.61 -46.50
N TYR A 81 1.93 -2.00 -46.48
CA TYR A 81 2.36 -1.18 -45.35
C TYR A 81 1.52 0.09 -45.24
N GLU A 82 1.16 0.68 -46.38
CA GLU A 82 0.29 1.86 -46.38
C GLU A 82 -1.09 1.53 -45.82
N LYS A 83 -1.67 0.39 -46.22
CA LYS A 83 -2.98 0.00 -45.71
C LYS A 83 -2.93 -0.29 -44.22
N THR A 84 -1.86 -0.95 -43.77
CA THR A 84 -1.71 -1.28 -42.35
C THR A 84 -1.59 -0.01 -41.50
N LYS A 85 -0.76 0.94 -41.93
CA LYS A 85 -0.58 2.18 -41.18
C LYS A 85 -1.85 3.01 -41.16
N SER A 86 -2.57 3.08 -42.29
CA SER A 86 -3.81 3.86 -42.36
C SER A 86 -4.89 3.26 -41.46
N GLN A 87 -5.02 1.93 -41.45
CA GLN A 87 -6.02 1.30 -40.60
C GLN A 87 -5.69 1.49 -39.12
N ARG A 88 -4.41 1.34 -38.76
CA ARG A 88 -4.00 1.52 -37.36
C ARG A 88 -4.23 2.95 -36.88
N GLU A 89 -3.95 3.94 -37.75
CA GLU A 89 -4.19 5.34 -37.40
C GLU A 89 -5.68 5.63 -37.22
N MET A 90 -6.51 5.13 -38.14
CA MET A 90 -7.95 5.37 -38.03
C MET A 90 -8.56 4.64 -36.84
N GLU A 91 -8.08 3.43 -36.54
CA GLU A 91 -8.54 2.66 -35.39
C GLU A 91 -8.20 3.37 -34.09
N GLU A 92 -6.98 3.91 -33.99
CA GLU A 92 -6.59 4.62 -32.79
C GLU A 92 -7.37 5.93 -32.63
N LYS A 93 -7.66 6.61 -33.75
CA LYS A 93 -8.48 7.81 -33.70
C LYS A 93 -9.89 7.50 -33.21
N TYR A 94 -10.46 6.38 -33.69
CA TYR A 94 -11.79 5.95 -33.23
C TYR A 94 -11.79 5.62 -31.75
N ILE A 95 -10.74 4.94 -31.27
CA ILE A 95 -10.66 4.54 -29.86
C ILE A 95 -10.56 5.76 -28.95
N VAL A 96 -9.70 6.73 -29.32
CA VAL A 96 -9.54 7.93 -28.50
C VAL A 96 -10.80 8.79 -28.53
N SER A 97 -11.48 8.86 -29.68
CA SER A 97 -12.75 9.60 -29.76
C SER A 97 -13.83 8.96 -28.90
N ALA A 98 -13.92 7.62 -28.93
CA ALA A 98 -14.91 6.91 -28.12
C ALA A 98 -14.65 7.10 -26.63
N TRP A 99 -13.38 7.02 -26.22
CA TRP A 99 -13.07 7.22 -24.79
C TRP A 99 -13.32 8.65 -24.37
N TYR A 100 -13.07 9.62 -25.27
CA TYR A 100 -13.23 11.02 -24.89
C TYR A 100 -14.70 11.37 -24.73
N ASN A 101 -15.56 10.88 -25.64
CA ASN A 101 -17.00 11.03 -25.46
C ASN A 101 -17.49 10.32 -24.19
N MET A 102 -16.91 9.15 -23.91
CA MET A 102 -17.25 8.38 -22.72
C MET A 102 -16.92 9.15 -21.45
N GLY A 103 -15.72 9.72 -21.41
CA GLY A 103 -15.29 10.47 -20.24
C GLY A 103 -16.07 11.75 -20.04
N MET A 104 -16.41 12.42 -21.15
CA MET A 104 -17.24 13.63 -21.04
C MET A 104 -18.64 13.29 -20.55
N THR A 105 -19.20 12.16 -20.98
CA THR A 105 -20.49 11.73 -20.41
C THR A 105 -20.34 11.36 -18.94
N LEU A 106 -19.17 10.84 -18.54
CA LEU A 106 -18.94 10.55 -17.12
C LEU A 106 -18.86 11.83 -16.29
N HIS A 107 -18.20 12.88 -16.81
CA HIS A 107 -18.19 14.15 -16.09
C HIS A 107 -19.55 14.85 -16.13
N LYS A 108 -20.37 14.56 -17.15
CA LYS A 108 -21.74 15.08 -17.13
C LYS A 108 -22.59 14.35 -16.09
N LYS A 109 -22.35 13.05 -15.92
CA LYS A 109 -23.05 12.28 -14.91
C LYS A 109 -22.46 12.51 -13.52
N ALA A 110 -21.31 13.18 -13.43
CA ALA A 110 -20.71 13.52 -12.15
C ALA A 110 -21.56 14.48 -11.31
N ALA A 111 -22.47 15.24 -11.95
CA ALA A 111 -23.40 16.07 -11.20
C ALA A 111 -24.37 15.24 -10.35
N GLU A 112 -24.68 14.03 -10.81
CA GLU A 112 -25.43 13.06 -10.01
C GLU A 112 -24.50 12.22 -9.14
N ASP A 113 -23.30 11.93 -9.63
CA ASP A 113 -22.36 11.07 -8.91
C ASP A 113 -21.79 11.74 -7.67
N ARG A 114 -21.76 13.08 -7.63
CA ARG A 114 -21.31 13.78 -6.43
C ARG A 114 -22.32 13.69 -5.29
N LEU A 115 -23.58 13.40 -5.59
CA LEU A 115 -24.58 13.11 -4.57
C LEU A 115 -24.69 11.61 -4.30
N ALA A 116 -24.47 10.80 -5.34
CA ALA A 116 -24.59 9.34 -5.20
C ALA A 116 -23.40 8.76 -4.46
N SER A 117 -22.23 9.40 -4.51
CA SER A 117 -21.05 8.89 -3.86
C SER A 117 -21.07 9.12 -2.35
N THR A 118 -21.99 9.92 -1.84
CA THR A 118 -22.13 10.13 -0.40
C THR A 118 -22.71 8.88 0.25
N GLY A 119 -22.13 8.49 1.38
CA GLY A 119 -22.56 7.30 2.09
C GLY A 119 -21.51 6.81 3.06
N SER A 120 -21.95 6.30 4.21
CA SER A 120 -21.01 5.88 5.24
C SER A 120 -21.67 4.79 6.08
N GLY A 121 -20.92 4.29 7.05
CA GLY A 121 -21.40 3.28 7.97
C GLY A 121 -20.85 1.89 7.76
N GLN A 122 -20.36 1.57 6.55
CA GLN A 122 -19.78 0.29 6.16
C GLN A 122 -20.71 -0.90 6.43
N SER A 123 -20.13 -2.08 6.57
CA SER A 123 -20.92 -3.25 6.95
C SER A 123 -21.28 -3.19 8.43
N PHE A 124 -22.18 -4.08 8.84
CA PHE A 124 -22.63 -4.10 10.23
C PHE A 124 -21.52 -4.58 11.16
N LEU A 125 -20.77 -5.60 10.73
CA LEU A 125 -19.72 -6.15 11.57
C LEU A 125 -18.54 -5.18 11.71
N ALA A 126 -18.17 -4.50 10.63
CA ALA A 126 -17.08 -3.53 10.70
C ALA A 126 -17.45 -2.32 11.54
N ARG A 127 -18.70 -1.84 11.41
CA ARG A 127 -19.20 -0.77 12.25
C ARG A 127 -19.24 -1.19 13.72
N GLN A 128 -19.64 -2.43 13.98
CA GLN A 128 -19.68 -2.93 15.35
C GLN A 128 -18.27 -3.05 15.95
N ARG A 129 -17.31 -3.54 15.15
CA ARG A 129 -15.94 -3.69 15.61
C ARG A 129 -15.30 -2.33 15.87
N GLN A 130 -15.62 -1.33 15.04
CA GLN A 130 -15.09 0.00 15.28
C GLN A 130 -15.83 0.70 16.43
N ALA A 131 -17.05 0.25 16.73
CA ALA A 131 -17.79 0.84 17.84
C ALA A 131 -17.55 0.11 19.15
N THR A 132 -16.78 -0.99 19.13
CA THR A 132 -16.41 -1.65 20.39
C THR A 132 -15.46 -0.80 21.24
N SER A 133 -14.73 0.13 20.64
CA SER A 133 -13.78 0.94 21.40
C SER A 133 -14.43 2.14 22.07
N SER A 134 -15.72 2.37 21.85
CA SER A 134 -16.41 3.54 22.44
C SER A 134 -16.97 3.26 23.83
N ARG A 135 -16.13 2.76 24.74
CA ARG A 135 -16.40 2.47 26.17
C ARG A 135 -17.76 1.82 26.48
N ALA B 57 28.40 -5.65 -70.05
CA ALA B 57 29.01 -5.22 -68.79
C ALA B 57 28.64 -3.81 -68.29
N PRO B 58 28.55 -2.75 -69.12
CA PRO B 58 27.99 -1.50 -68.57
C PRO B 58 26.51 -1.60 -68.26
N GLU B 59 25.73 -2.28 -69.12
CA GLU B 59 24.32 -2.51 -68.84
C GLU B 59 24.13 -3.39 -67.62
N ILE B 60 24.98 -4.41 -67.46
CA ILE B 60 24.94 -5.29 -66.29
C ILE B 60 25.28 -4.51 -65.02
N GLN B 61 26.27 -3.62 -65.10
CA GLN B 61 26.62 -2.77 -63.96
C GLN B 61 25.48 -1.82 -63.60
N ALA B 62 24.79 -1.28 -64.62
CA ALA B 62 23.66 -0.39 -64.38
C ALA B 62 22.49 -1.11 -63.71
N LEU B 63 22.14 -2.31 -64.20
CA LEU B 63 20.99 -2.99 -63.60
C LEU B 63 21.37 -3.61 -62.25
N LYS B 64 22.65 -3.92 -62.02
CA LYS B 64 23.05 -4.37 -60.70
C LYS B 64 23.08 -3.22 -59.70
N ASN B 65 23.39 -2.00 -60.16
CA ASN B 65 23.28 -0.83 -59.30
C ASN B 65 21.82 -0.60 -58.94
N GLN B 66 20.92 -0.73 -59.92
CA GLN B 66 19.49 -0.55 -59.67
C GLN B 66 18.98 -1.67 -58.76
N LEU B 67 19.50 -2.89 -58.93
CA LEU B 67 19.13 -4.03 -58.09
C LEU B 67 19.60 -3.84 -56.66
N GLN B 68 20.83 -3.37 -56.48
CA GLN B 68 21.35 -3.15 -55.13
C GLN B 68 20.59 -2.03 -54.44
N GLU B 69 20.18 -1.01 -55.20
CA GLU B 69 19.30 0.02 -54.63
C GLU B 69 17.93 -0.55 -54.30
N ARG B 70 17.45 -1.50 -55.10
CA ARG B 70 16.15 -2.13 -54.83
C ARG B 70 16.17 -2.94 -53.54
N ASP B 71 17.21 -3.74 -53.32
CA ASP B 71 17.34 -4.43 -52.03
C ASP B 71 17.70 -3.47 -50.89
N ARG B 72 18.31 -2.32 -51.20
CA ARG B 72 18.58 -1.34 -50.17
C ARG B 72 17.28 -0.72 -49.64
N LEU B 73 16.40 -0.31 -50.55
CA LEU B 73 15.10 0.19 -50.11
C LEU B 73 14.18 -0.94 -49.66
N PHE B 74 14.46 -2.19 -50.05
CA PHE B 74 13.80 -3.32 -49.42
C PHE B 74 14.14 -3.43 -47.96
N HIS B 75 15.43 -3.29 -47.62
CA HIS B 75 15.85 -3.34 -46.22
C HIS B 75 15.33 -2.12 -45.47
N SER B 76 15.26 -0.97 -46.13
CA SER B 76 14.69 0.23 -45.52
C SER B 76 13.19 0.06 -45.24
N LEU B 77 12.45 -0.53 -46.19
CA LEU B 77 11.02 -0.76 -46.00
C LEU B 77 10.78 -1.82 -44.93
N GLU B 78 11.62 -2.86 -44.89
CA GLU B 78 11.47 -3.89 -43.86
C GLU B 78 11.81 -3.34 -42.48
N LYS B 79 12.82 -2.48 -42.40
CA LYS B 79 13.16 -1.83 -41.13
C LYS B 79 12.04 -0.90 -40.67
N GLU B 80 11.46 -0.13 -41.58
CA GLU B 80 10.37 0.76 -41.22
C GLU B 80 9.11 -0.03 -40.84
N TYR B 81 8.86 -1.14 -41.55
CA TYR B 81 7.74 -2.02 -41.23
C TYR B 81 7.91 -2.65 -39.86
N GLU B 82 9.11 -3.10 -39.53
CA GLU B 82 9.36 -3.72 -38.23
C GLU B 82 9.30 -2.70 -37.10
N LYS B 83 9.83 -1.49 -37.33
CA LYS B 83 9.77 -0.45 -36.31
C LYS B 83 8.34 0.02 -36.07
N THR B 84 7.55 0.17 -37.14
CA THR B 84 6.15 0.55 -36.97
C THR B 84 5.33 -0.58 -36.34
N LYS B 85 5.66 -1.83 -36.67
CA LYS B 85 4.97 -2.97 -36.07
C LYS B 85 5.27 -3.09 -34.58
N SER B 86 6.53 -2.89 -34.19
CA SER B 86 6.89 -2.94 -32.79
C SER B 86 6.34 -1.74 -32.02
N GLN B 87 6.29 -0.57 -32.67
CA GLN B 87 5.69 0.61 -32.04
C GLN B 87 4.20 0.42 -31.83
N ARG B 88 3.50 -0.14 -32.82
CA ARG B 88 2.08 -0.40 -32.68
C ARG B 88 1.81 -1.51 -31.67
N GLU B 89 2.69 -2.50 -31.60
CA GLU B 89 2.53 -3.58 -30.63
C GLU B 89 2.76 -3.11 -29.19
N MET B 90 3.72 -2.20 -28.98
CA MET B 90 3.91 -1.60 -27.66
C MET B 90 2.76 -0.66 -27.34
N GLU B 91 2.27 0.07 -28.35
CA GLU B 91 1.21 1.06 -28.16
C GLU B 91 -0.13 0.40 -27.90
N GLU B 92 -0.32 -0.82 -28.43
CA GLU B 92 -1.59 -1.53 -28.31
C GLU B 92 -1.89 -1.91 -26.87
N LYS B 93 -0.85 -2.32 -26.14
CA LYS B 93 -1.01 -2.69 -24.73
C LYS B 93 -1.47 -1.51 -23.89
N TYR B 94 -0.86 -0.33 -24.10
CA TYR B 94 -1.24 0.85 -23.34
C TYR B 94 -2.63 1.36 -23.72
N ILE B 95 -2.98 1.35 -25.00
CA ILE B 95 -4.30 1.83 -25.40
C ILE B 95 -5.40 0.87 -24.94
N VAL B 96 -5.11 -0.44 -24.95
CA VAL B 96 -6.08 -1.45 -24.52
C VAL B 96 -6.27 -1.39 -23.01
N SER B 97 -5.18 -1.22 -22.27
CA SER B 97 -5.29 -1.13 -20.81
C SER B 97 -5.98 0.17 -20.38
N ALA B 98 -5.70 1.28 -21.07
CA ALA B 98 -6.36 2.54 -20.74
C ALA B 98 -7.84 2.52 -21.12
N TRP B 99 -8.22 1.71 -22.09
CA TRP B 99 -9.64 1.50 -22.36
C TRP B 99 -10.28 0.63 -21.27
N TYR B 100 -9.68 -0.53 -21.00
CA TYR B 100 -10.35 -1.54 -20.20
C TYR B 100 -10.35 -1.22 -18.70
N ASN B 101 -9.41 -0.40 -18.23
CA ASN B 101 -9.41 0.00 -16.82
C ASN B 101 -10.63 0.85 -16.49
N MET B 102 -10.87 1.89 -17.29
CA MET B 102 -12.06 2.70 -17.13
C MET B 102 -13.32 1.93 -17.47
N GLY B 103 -13.23 0.99 -18.43
CA GLY B 103 -14.38 0.15 -18.73
C GLY B 103 -14.81 -0.73 -17.57
N MET B 104 -13.84 -1.32 -16.87
CA MET B 104 -14.14 -2.13 -15.70
C MET B 104 -14.61 -1.27 -14.53
N THR B 105 -14.08 -0.04 -14.40
CA THR B 105 -14.55 0.87 -13.37
C THR B 105 -16.02 1.25 -13.59
N LEU B 106 -16.38 1.56 -14.85
CA LEU B 106 -17.76 1.89 -15.17
C LEU B 106 -18.67 0.67 -15.03
N HIS B 107 -18.15 -0.52 -15.35
CA HIS B 107 -18.93 -1.75 -15.17
C HIS B 107 -19.21 -2.00 -13.69
N LYS B 108 -18.22 -1.78 -12.82
CA LYS B 108 -18.43 -1.96 -11.38
C LYS B 108 -19.40 -0.92 -10.83
N LYS B 109 -19.32 0.32 -11.33
CA LYS B 109 -20.24 1.36 -10.86
C LYS B 109 -21.68 1.09 -11.27
N ALA B 110 -21.90 0.73 -12.54
CA ALA B 110 -23.24 0.35 -13.00
C ALA B 110 -23.70 -0.94 -12.33
N ALA B 111 -22.75 -1.82 -12.00
CA ALA B 111 -23.05 -3.07 -11.33
C ALA B 111 -23.61 -2.83 -9.93
N GLU B 112 -22.93 -2.00 -9.15
CA GLU B 112 -23.39 -1.72 -7.80
C GLU B 112 -24.65 -0.85 -7.81
N ASP B 113 -24.81 -0.02 -8.85
CA ASP B 113 -26.05 0.75 -8.98
C ASP B 113 -27.25 -0.14 -9.25
N ARG B 114 -27.11 -1.10 -10.19
CA ARG B 114 -28.19 -2.04 -10.46
C ARG B 114 -28.49 -2.93 -9.27
N LEU B 115 -27.44 -3.40 -8.60
CA LEU B 115 -27.61 -4.29 -7.46
C LEU B 115 -28.18 -3.55 -6.25
N ALA B 116 -27.96 -2.23 -6.19
CA ALA B 116 -28.63 -1.43 -5.18
C ALA B 116 -30.10 -1.22 -5.52
N SER B 117 -30.40 -1.02 -6.81
CA SER B 117 -31.77 -0.76 -7.22
C SER B 117 -32.68 -1.98 -7.08
N THR B 118 -32.17 -3.19 -7.33
CA THR B 118 -33.04 -4.35 -7.17
C THR B 118 -33.28 -4.68 -5.69
N GLY B 119 -32.35 -4.32 -4.82
CA GLY B 119 -32.48 -4.59 -3.40
C GLY B 119 -32.17 -6.03 -3.04
N ASP C 32 27.54 55.08 14.35
CA ASP C 32 28.35 54.70 13.20
C ASP C 32 29.38 53.63 13.61
N PRO C 33 29.74 52.73 12.70
CA PRO C 33 30.56 51.56 13.09
C PRO C 33 31.98 51.88 13.54
N GLU C 34 32.54 53.05 13.20
CA GLU C 34 33.91 53.34 13.61
C GLU C 34 33.99 53.75 15.07
N THR C 35 32.97 54.44 15.60
CA THR C 35 32.99 54.86 17.01
C THR C 35 32.92 53.65 17.94
N CYS C 36 32.18 52.62 17.52
CA CYS C 36 32.12 51.35 18.24
C CYS C 36 33.49 50.71 18.36
N LEU C 37 34.35 50.89 17.34
CA LEU C 37 35.71 50.34 17.40
C LEU C 37 36.53 51.00 18.50
N MET C 38 36.51 52.34 18.59
CA MET C 38 37.20 53.06 19.66
C MET C 38 36.74 52.66 21.04
N VAL C 39 35.42 52.57 21.26
CA VAL C 39 34.99 52.28 22.64
C VAL C 39 35.24 50.79 22.96
N PHE C 40 35.24 49.93 21.92
CA PHE C 40 35.61 48.53 22.11
C PHE C 40 37.07 48.39 22.52
N LYS C 41 38.00 49.13 21.88
CA LYS C 41 39.38 49.06 22.36
C LYS C 41 39.55 49.73 23.71
N ASN C 42 38.66 50.64 24.09
CA ASN C 42 38.68 51.16 25.46
C ASN C 42 38.41 50.07 26.50
N HIS C 43 37.28 49.34 26.35
CA HIS C 43 37.03 48.24 27.32
C HIS C 43 38.09 47.15 27.20
N TRP C 44 38.49 46.81 25.97
CA TRP C 44 39.39 45.67 25.80
C TRP C 44 40.79 46.02 26.28
N SER C 45 41.17 47.30 26.23
CA SER C 45 42.43 47.74 26.80
C SER C 45 42.42 47.64 28.32
N GLN C 46 41.29 48.02 28.95
CA GLN C 46 41.15 47.79 30.39
C GLN C 46 41.25 46.29 30.73
N VAL C 47 40.64 45.45 29.90
CA VAL C 47 40.61 44.00 30.17
C VAL C 47 42.00 43.38 30.02
N VAL C 48 42.77 43.75 28.98
CA VAL C 48 44.09 43.14 28.81
C VAL C 48 45.03 43.63 29.91
N ARG C 49 44.84 44.88 30.36
CA ARG C 49 45.58 45.34 31.53
C ARG C 49 45.25 44.49 32.77
N ILE C 50 43.97 44.15 32.95
CA ILE C 50 43.57 43.35 34.10
C ILE C 50 44.16 41.93 34.02
N LEU C 51 44.23 41.36 32.80
CA LEU C 51 44.90 40.07 32.64
C LEU C 51 46.40 40.16 32.92
N GLU C 52 47.04 41.26 32.52
CA GLU C 52 48.49 41.34 32.68
C GLU C 52 48.93 41.74 34.08
N ARG C 53 48.03 42.26 34.93
CA ARG C 53 48.42 42.45 36.32
C ARG C 53 48.24 41.17 37.15
N GLY C 62 40.60 40.88 43.60
CA GLY C 62 40.22 39.98 42.54
C GLY C 62 38.75 40.07 42.18
N ALA C 63 37.90 40.28 43.18
CA ALA C 63 36.46 40.37 42.94
C ALA C 63 36.09 41.64 42.19
N ASP C 64 36.76 42.76 42.51
CA ASP C 64 36.50 44.02 41.81
C ASP C 64 36.96 43.93 40.36
N ASP C 65 38.13 43.33 40.12
CA ASP C 65 38.61 43.12 38.76
C ASP C 65 37.71 42.16 38.00
N LEU C 66 37.18 41.14 38.69
CA LEU C 66 36.23 40.22 38.05
C LEU C 66 34.93 40.91 37.67
N SER C 67 34.41 41.80 38.53
CA SER C 67 33.20 42.54 38.20
C SER C 67 33.45 43.52 37.05
N ALA C 68 34.64 44.15 37.05
CA ALA C 68 35.02 45.05 35.97
C ALA C 68 35.11 44.32 34.63
N VAL C 69 35.73 43.14 34.62
CA VAL C 69 35.83 42.42 33.36
C VAL C 69 34.49 41.79 32.99
N ARG C 70 33.61 41.55 33.97
CA ARG C 70 32.28 41.05 33.62
C ARG C 70 31.43 42.11 32.94
N ASN C 71 31.42 43.35 33.44
CA ASN C 71 30.60 44.36 32.76
C ASN C 71 31.28 44.84 31.47
N HIS C 72 32.61 44.83 31.43
CA HIS C 72 33.33 45.10 30.17
C HIS C 72 33.07 44.01 29.14
N THR C 73 33.03 42.75 29.58
CA THR C 73 32.70 41.61 28.73
C THR C 73 31.28 41.71 28.21
N TYR C 74 30.35 42.13 29.08
CA TYR C 74 28.96 42.31 28.66
C TYR C 74 28.85 43.39 27.59
N GLN C 75 29.55 44.51 27.79
CA GLN C 75 29.52 45.58 26.80
C GLN C 75 30.18 45.19 25.48
N MET C 76 31.34 44.52 25.55
CA MET C 76 32.06 44.13 24.33
C MET C 76 31.29 43.10 23.53
N LEU C 77 30.69 42.11 24.20
CA LEU C 77 29.93 41.09 23.49
C LEU C 77 28.55 41.56 23.03
N THR C 78 27.94 42.54 23.72
CA THR C 78 26.74 43.14 23.17
C THR C 78 27.06 44.00 21.95
N LEU C 79 28.22 44.67 21.95
CA LEU C 79 28.62 45.43 20.77
C LEU C 79 29.01 44.51 19.63
N LEU C 80 29.61 43.36 19.94
CA LEU C 80 29.97 42.38 18.93
C LEU C 80 28.72 41.72 18.34
N ALA C 81 27.65 41.60 19.13
CA ALA C 81 26.40 41.09 18.61
C ALA C 81 25.76 42.06 17.60
N GLU C 82 26.07 43.35 17.70
CA GLU C 82 25.56 44.34 16.76
C GLU C 82 26.62 44.85 15.79
N ASP C 83 27.61 44.03 15.48
CA ASP C 83 28.55 44.36 14.41
C ASP C 83 27.82 44.27 13.07
N ARG C 84 28.21 45.12 12.14
CA ARG C 84 27.81 45.00 10.75
C ARG C 84 29.04 44.80 9.88
N ALA C 85 28.89 44.07 8.79
CA ALA C 85 29.98 43.91 7.84
C ALA C 85 30.20 45.21 7.09
N VAL C 86 31.41 45.37 6.55
CA VAL C 86 31.74 46.54 5.74
C VAL C 86 30.93 46.50 4.45
N PRO C 87 30.29 47.61 4.05
CA PRO C 87 29.46 47.59 2.83
C PRO C 87 30.22 47.29 1.55
N SER C 88 31.52 47.57 1.49
CA SER C 88 32.31 47.22 0.31
C SER C 88 32.51 45.70 0.18
N ALA C 89 32.74 45.00 1.29
CA ALA C 89 32.88 43.55 1.28
C ALA C 89 31.97 42.95 2.35
N PRO C 90 30.66 42.84 2.05
CA PRO C 90 29.72 42.32 3.07
C PRO C 90 29.85 40.84 3.35
N THR C 91 30.48 40.07 2.46
CA THR C 91 30.67 38.64 2.69
C THR C 91 31.77 38.36 3.70
N GLY C 92 32.66 39.31 3.94
CA GLY C 92 33.73 39.14 4.90
C GLY C 92 33.30 39.50 6.31
N PRO C 93 34.20 39.27 7.27
CA PRO C 93 33.87 39.61 8.66
C PRO C 93 33.87 41.12 8.89
N GLY C 94 33.14 41.55 9.91
CA GLY C 94 33.10 42.94 10.30
C GLY C 94 34.37 43.35 11.02
N PRO C 95 34.54 44.67 11.24
CA PRO C 95 35.77 45.16 11.88
C PRO C 95 35.92 44.73 13.33
N LEU C 96 34.81 44.57 14.06
CA LEU C 96 34.89 44.11 15.44
C LEU C 96 35.34 42.65 15.52
N LEU C 97 34.85 41.80 14.61
CA LEU C 97 35.36 40.43 14.53
C LEU C 97 36.79 40.42 14.02
N GLU C 98 37.15 41.35 13.14
CA GLU C 98 38.53 41.44 12.66
C GLU C 98 39.49 41.80 13.77
N PHE C 99 39.03 42.60 14.73
CA PHE C 99 39.88 42.94 15.87
C PHE C 99 39.89 41.80 16.89
N ALA C 100 38.74 41.13 17.07
CA ALA C 100 38.63 40.13 18.13
C ALA C 100 39.28 38.80 17.77
N LEU C 101 39.08 38.33 16.54
CA LEU C 101 39.57 37.00 16.16
C LEU C 101 41.04 37.01 15.84
N HIS C 102 41.64 38.20 15.71
CA HIS C 102 43.06 38.30 15.37
C HIS C 102 43.94 37.81 16.51
N GLU C 103 43.61 38.19 17.74
CA GLU C 103 44.39 37.79 18.91
C GLU C 103 43.63 36.84 19.83
N ASP C 104 42.51 36.28 19.37
CA ASP C 104 41.68 35.30 20.09
C ASP C 104 41.21 35.84 21.44
N LEU C 105 40.41 36.90 21.38
CA LEU C 105 39.95 37.62 22.56
C LEU C 105 39.02 36.75 23.42
N LEU C 106 38.06 36.09 22.77
CA LEU C 106 36.99 35.38 23.48
C LEU C 106 37.53 34.19 24.25
N THR C 107 38.42 33.40 23.61
CA THR C 107 38.99 32.24 24.27
C THR C 107 39.89 32.63 25.43
N ARG C 108 40.67 33.72 25.28
CA ARG C 108 41.57 34.08 26.36
C ARG C 108 40.83 34.70 27.54
N VAL C 109 39.77 35.49 27.30
CA VAL C 109 38.99 36.00 28.43
C VAL C 109 38.16 34.90 29.07
N LEU C 110 37.75 33.89 28.27
CA LEU C 110 37.00 32.78 28.81
C LEU C 110 37.88 31.89 29.68
N THR C 111 39.09 31.59 29.22
CA THR C 111 39.99 30.78 30.04
C THR C 111 40.53 31.58 31.21
N TRP C 112 40.53 32.92 31.12
CA TRP C 112 40.93 33.73 32.27
C TRP C 112 39.85 33.67 33.35
N GLN C 113 38.57 33.56 32.95
CA GLN C 113 37.52 33.35 33.94
C GLN C 113 37.47 31.90 34.43
N LEU C 114 37.79 30.93 33.57
CA LEU C 114 37.80 29.54 34.01
C LEU C 114 38.96 29.19 34.92
N GLN C 115 40.06 29.97 34.88
CA GLN C 115 41.06 29.74 35.92
C GLN C 115 40.68 30.43 37.23
N TRP C 116 39.80 31.44 37.17
CA TRP C 116 39.13 31.95 38.37
C TRP C 116 38.02 31.04 38.87
N ASP C 117 37.54 30.12 38.03
CA ASP C 117 36.48 29.21 38.44
C ASP C 117 36.91 28.25 39.55
N GLU C 118 38.22 28.02 39.70
CA GLU C 118 38.72 27.12 40.73
C GLU C 118 38.54 27.66 42.14
N LEU C 119 38.29 28.96 42.30
CA LEU C 119 38.05 29.52 43.64
C LEU C 119 36.74 29.01 44.23
N GLY C 120 35.69 28.87 43.43
CA GLY C 120 34.41 28.42 43.89
C GLY C 120 33.44 29.52 44.28
N ASP C 121 33.87 30.77 44.30
CA ASP C 121 32.99 31.88 44.64
C ASP C 121 32.14 32.26 43.44
N GLY C 122 30.84 31.97 43.52
CA GLY C 122 29.93 32.28 42.42
C GLY C 122 30.16 31.47 41.17
N VAL C 123 30.36 30.15 41.29
CA VAL C 123 30.66 29.32 40.12
C VAL C 123 29.43 29.20 39.21
N GLU C 124 28.26 28.95 39.79
CA GLU C 124 27.05 28.74 39.01
C GLU C 124 26.36 30.03 38.62
N GLU C 125 26.86 31.17 39.12
CA GLU C 125 26.40 32.48 38.62
C GLU C 125 27.27 32.92 37.44
N ARG C 126 28.59 32.78 37.59
CA ARG C 126 29.51 33.16 36.52
C ARG C 126 29.35 32.27 35.29
N ARG C 127 29.14 30.96 35.51
CA ARG C 127 28.93 30.04 34.39
C ARG C 127 27.65 30.39 33.62
N ALA C 128 26.60 30.75 34.35
CA ALA C 128 25.36 31.19 33.71
C ALA C 128 25.54 32.51 32.98
N GLU C 129 26.41 33.39 33.50
CA GLU C 129 26.68 34.66 32.85
C GLU C 129 27.38 34.46 31.49
N GLN C 130 28.43 33.63 31.46
CA GLN C 130 29.08 33.35 30.18
C GLN C 130 28.17 32.55 29.25
N LEU C 131 27.29 31.71 29.81
CA LEU C 131 26.31 31.00 29.00
C LEU C 131 25.35 31.96 28.31
N LYS C 132 24.85 32.95 29.05
CA LYS C 132 23.96 33.97 28.48
C LYS C 132 24.69 34.81 27.44
N LEU C 133 25.96 35.15 27.70
CA LEU C 133 26.74 35.98 26.77
C LEU C 133 26.98 35.25 25.45
N PHE C 134 27.44 34.01 25.51
CA PHE C 134 27.73 33.29 24.27
C PHE C 134 26.45 32.85 23.56
N GLU C 135 25.35 32.65 24.30
CA GLU C 135 24.06 32.45 23.67
C GLU C 135 23.61 33.71 22.93
N MET C 136 23.93 34.87 23.49
CA MET C 136 23.61 36.12 22.81
C MET C 136 24.43 36.31 21.53
N LEU C 137 25.68 35.84 21.53
CA LEU C 137 26.44 35.84 20.28
C LEU C 137 25.88 34.86 19.25
N VAL C 138 25.44 33.68 19.71
CA VAL C 138 24.96 32.69 18.76
C VAL C 138 23.63 33.13 18.16
N SER C 139 22.74 33.72 18.96
CA SER C 139 21.43 34.11 18.47
C SER C 139 21.42 35.50 17.84
N GLU C 140 21.87 36.51 18.60
CA GLU C 140 21.65 37.91 18.26
C GLU C 140 22.51 38.41 17.10
N ALA C 141 23.71 37.86 16.92
CA ALA C 141 24.63 38.40 15.92
C ALA C 141 24.15 38.09 14.51
N ARG C 142 24.15 39.12 13.66
CA ARG C 142 23.58 39.00 12.32
C ARG C 142 24.55 38.34 11.35
N GLN C 143 25.83 38.20 11.74
CA GLN C 143 26.75 37.45 10.90
C GLN C 143 26.77 35.99 11.33
N PRO C 144 27.01 35.06 10.39
CA PRO C 144 27.26 33.65 10.77
C PRO C 144 28.65 33.50 11.37
N LEU C 145 28.70 33.67 12.70
CA LEU C 145 29.97 33.75 13.42
C LEU C 145 30.73 32.43 13.42
N LEU C 146 30.01 31.32 13.27
CA LEU C 146 30.60 30.00 13.51
C LEU C 146 31.57 29.55 12.43
N ARG C 147 31.68 30.29 11.31
CA ARG C 147 32.65 29.92 10.28
C ARG C 147 34.09 30.16 10.75
N HIS C 148 34.27 30.97 11.79
CA HIS C 148 35.60 31.30 12.26
C HIS C 148 36.11 30.27 13.25
N GLY C 149 37.44 30.11 13.27
CA GLY C 149 38.11 29.19 14.16
C GLY C 149 38.12 29.54 15.64
N PRO C 150 38.67 30.75 16.02
CA PRO C 150 38.76 31.12 17.44
C PRO C 150 37.46 31.17 18.24
N VAL C 151 36.37 31.65 17.63
CA VAL C 151 35.08 31.68 18.33
C VAL C 151 34.54 30.26 18.51
N ARG C 152 34.82 29.38 17.54
CA ARG C 152 34.46 27.97 17.68
C ARG C 152 35.26 27.31 18.80
N GLU C 153 36.54 27.66 18.92
CA GLU C 153 37.35 27.14 20.02
C GLU C 153 36.90 27.67 21.37
N ALA C 154 36.47 28.93 21.41
CA ALA C 154 35.93 29.51 22.64
C ALA C 154 34.64 28.82 23.06
N LEU C 155 33.76 28.54 22.09
CA LEU C 155 32.52 27.82 22.38
C LEU C 155 32.80 26.39 22.82
N LEU C 156 33.80 25.74 22.21
CA LEU C 156 34.17 24.39 22.60
C LEU C 156 34.78 24.35 24.00
N THR C 157 35.50 25.41 24.39
CA THR C 157 36.04 25.49 25.74
C THR C 157 34.93 25.78 26.75
N LEU C 158 33.95 26.59 26.35
CA LEU C 158 32.81 26.88 27.23
C LEU C 158 31.97 25.62 27.46
N LEU C 159 31.77 24.82 26.42
CA LEU C 159 31.07 23.55 26.57
C LEU C 159 31.81 22.56 27.47
N ASP C 160 33.15 22.62 27.51
CA ASP C 160 33.91 21.84 28.47
C ASP C 160 33.83 22.41 29.88
N ALA C 161 33.71 23.74 29.99
CA ALA C 161 33.51 24.38 31.29
C ALA C 161 32.16 24.03 31.88
N CYS C 162 31.15 23.85 31.04
CA CYS C 162 29.81 23.49 31.52
C CYS C 162 29.64 21.99 31.66
N GLY C 163 30.65 21.21 31.31
CA GLY C 163 30.61 19.77 31.44
C GLY C 163 31.02 19.23 32.78
N ARG C 164 31.11 20.09 33.80
CA ARG C 164 31.43 19.66 35.14
C ARG C 164 30.28 18.82 35.71
N PRO C 165 30.59 17.83 36.55
CA PRO C 165 29.56 16.85 36.96
C PRO C 165 28.49 17.44 37.87
N VAL C 166 27.40 16.68 38.01
CA VAL C 166 26.23 17.00 38.83
C VAL C 166 26.64 17.00 40.30
N PRO C 167 25.98 17.75 41.22
CA PRO C 167 24.72 18.53 41.12
C PRO C 167 24.81 19.84 40.33
N SER C 168 23.66 20.36 39.89
CA SER C 168 23.62 21.54 39.06
C SER C 168 22.29 22.26 39.29
N SER C 169 22.35 23.59 39.31
CA SER C 169 21.14 24.39 39.38
C SER C 169 20.39 24.31 38.06
N PRO C 170 19.05 24.33 38.10
CA PRO C 170 18.27 24.18 36.85
C PRO C 170 18.41 25.34 35.88
N ALA C 171 18.81 26.52 36.36
CA ALA C 171 19.07 27.64 35.45
C ALA C 171 20.27 27.36 34.57
N LEU C 172 21.31 26.72 35.14
CA LEU C 172 22.50 26.36 34.36
C LEU C 172 22.15 25.31 33.30
N ASP C 173 21.32 24.33 33.65
CA ASP C 173 20.91 23.32 32.67
C ASP C 173 20.03 23.93 31.59
N GLU C 174 19.15 24.88 31.97
CA GLU C 174 18.32 25.57 31.00
C GLU C 174 19.15 26.38 30.02
N GLY C 175 20.16 27.10 30.54
CA GLY C 175 21.05 27.86 29.67
C GLY C 175 21.91 26.98 28.78
N LEU C 176 22.34 25.84 29.31
CA LEU C 176 23.17 24.91 28.54
C LEU C 176 22.38 24.29 27.40
N VAL C 177 21.14 23.85 27.69
CA VAL C 177 20.29 23.27 26.65
C VAL C 177 19.89 24.34 25.63
N LEU C 178 19.66 25.58 26.07
CA LEU C 178 19.30 26.66 25.14
C LEU C 178 20.48 27.02 24.23
N LEU C 179 21.70 27.10 24.78
CA LEU C 179 22.89 27.36 23.98
C LEU C 179 23.15 26.24 22.99
N LEU C 180 23.00 24.98 23.43
CA LEU C 180 23.20 23.84 22.55
C LEU C 180 22.14 23.82 21.45
N SER C 181 20.90 24.19 21.77
CA SER C 181 19.84 24.20 20.76
C SER C 181 20.06 25.29 19.71
N GLN C 182 20.50 26.47 20.15
CA GLN C 182 20.79 27.55 19.21
C GLN C 182 22.01 27.21 18.35
N LEU C 183 23.02 26.56 18.93
CA LEU C 183 24.16 26.09 18.15
C LEU C 183 23.74 25.01 17.15
N CYS C 184 22.80 24.14 17.55
CA CYS C 184 22.27 23.12 16.64
C CYS C 184 21.52 23.75 15.48
N VAL C 185 20.77 24.84 15.75
CA VAL C 185 20.07 25.56 14.69
C VAL C 185 21.07 26.19 13.72
N CYS C 186 22.13 26.81 14.26
CA CYS C 186 23.12 27.47 13.40
C CYS C 186 23.92 26.47 12.57
N VAL C 187 24.26 25.31 13.14
CA VAL C 187 24.98 24.29 12.36
C VAL C 187 24.02 23.58 11.42
N ALA C 188 22.72 23.57 11.73
CA ALA C 188 21.72 23.07 10.79
C ALA C 188 21.55 24.00 9.60
N GLN C 189 21.77 25.31 9.78
CA GLN C 189 21.77 26.23 8.65
C GLN C 189 23.06 26.19 7.84
N GLU C 190 24.17 25.76 8.44
CA GLU C 190 25.46 25.65 7.75
C GLU C 190 26.03 24.26 8.00
N PRO C 191 25.66 23.27 7.18
CA PRO C 191 25.90 21.86 7.56
C PRO C 191 27.35 21.39 7.48
N SER C 192 28.27 22.20 6.99
CA SER C 192 29.64 21.72 6.78
C SER C 192 30.51 21.79 8.03
N LEU C 193 29.97 22.25 9.15
CA LEU C 193 30.81 22.51 10.33
C LEU C 193 30.68 21.42 11.38
N LEU C 194 29.94 20.34 11.10
CA LEU C 194 29.80 19.26 12.08
C LEU C 194 31.11 18.51 12.25
N GLU C 195 31.88 18.35 11.17
CA GLU C 195 33.23 17.81 11.29
C GLU C 195 34.19 18.80 11.92
N PHE C 196 33.94 20.09 11.78
CA PHE C 196 34.78 21.10 12.44
C PHE C 196 34.56 21.13 13.94
N PHE C 197 33.36 20.80 14.40
CA PHE C 197 33.14 20.61 15.83
C PHE C 197 33.63 19.26 16.32
N LEU C 198 33.87 18.31 15.42
CA LEU C 198 34.46 17.03 15.80
C LEU C 198 35.95 17.21 16.03
N GLN C 199 36.33 17.41 17.28
CA GLN C 199 37.70 17.77 17.60
C GLN C 199 38.51 16.49 17.85
N PRO C 200 39.79 16.45 17.46
CA PRO C 200 40.55 15.18 17.41
C PRO C 200 40.82 14.60 18.79
N PRO C 201 41.07 13.29 18.89
CA PRO C 201 41.31 12.67 20.21
C PRO C 201 42.58 13.19 20.87
N PRO C 202 42.54 13.46 22.18
CA PRO C 202 43.75 13.95 22.86
C PRO C 202 44.79 12.87 23.09
N GLU C 203 44.43 11.61 22.95
CA GLU C 203 45.34 10.48 23.07
C GLU C 203 45.16 9.62 21.84
N PRO C 204 46.24 9.04 21.30
CA PRO C 204 46.09 8.11 20.17
C PRO C 204 45.31 6.87 20.56
N GLY C 205 44.23 6.61 19.83
CA GLY C 205 43.33 5.53 20.15
C GLY C 205 42.18 5.90 21.07
N ALA C 206 42.16 7.11 21.61
CA ALA C 206 41.08 7.53 22.49
C ALA C 206 39.89 8.02 21.68
N ALA C 207 38.78 8.21 22.38
CA ALA C 207 37.56 8.66 21.73
C ALA C 207 37.63 10.16 21.44
N PRO C 208 37.13 10.62 20.30
CA PRO C 208 37.02 12.07 20.06
C PRO C 208 35.96 12.69 20.95
N ARG C 209 36.02 14.02 21.05
CA ARG C 209 35.12 14.77 21.93
C ARG C 209 34.29 15.77 21.11
N LEU C 210 33.15 15.30 20.61
CA LEU C 210 32.14 16.19 20.01
C LEU C 210 31.28 16.72 21.15
N LEU C 211 31.60 17.94 21.57
CA LEU C 211 30.95 18.50 22.76
C LEU C 211 29.54 18.99 22.44
N LEU C 212 29.22 19.15 21.16
CA LEU C 212 27.87 19.56 20.78
C LEU C 212 26.87 18.42 20.94
N PHE C 213 27.34 17.18 20.86
CA PHE C 213 26.46 16.01 20.91
C PHE C 213 26.49 15.32 22.26
N SER C 214 27.67 15.19 22.86
CA SER C 214 27.82 14.39 24.08
C SER C 214 27.21 15.08 25.29
N ARG C 215 27.04 16.40 25.24
CA ARG C 215 26.43 17.10 26.36
C ARG C 215 24.91 17.04 26.31
N LEU C 216 24.32 16.71 25.16
CA LEU C 216 22.88 16.56 25.06
C LEU C 216 22.43 15.15 25.43
N VAL C 217 23.36 14.22 25.57
CA VAL C 217 23.09 12.82 25.91
C VAL C 217 22.41 12.64 27.28
N PRO C 218 22.82 13.29 28.39
CA PRO C 218 22.09 13.03 29.65
C PRO C 218 20.68 13.65 29.71
N PHE C 219 20.32 14.51 28.77
CA PHE C 219 19.07 15.26 28.89
C PHE C 219 17.94 14.72 28.03
N VAL C 220 18.06 13.50 27.47
CA VAL C 220 17.01 12.98 26.60
C VAL C 220 15.80 12.54 27.42
N HIS C 221 16.04 11.97 28.60
CA HIS C 221 14.97 11.39 29.40
C HIS C 221 14.21 12.41 30.23
N LEU C 222 14.64 13.67 30.23
CA LEU C 222 13.96 14.69 31.03
C LEU C 222 12.63 15.08 30.40
N GLU C 223 11.68 15.42 31.28
CA GLU C 223 10.36 15.83 30.84
C GLU C 223 10.32 17.35 30.66
N GLY C 224 9.13 17.85 30.29
CA GLY C 224 8.95 19.28 30.15
C GLY C 224 9.55 19.84 28.87
N THR C 225 9.76 21.15 28.90
CA THR C 225 10.25 21.86 27.72
C THR C 225 11.74 21.61 27.51
N LEU C 226 12.48 21.37 28.59
CA LEU C 226 13.94 21.24 28.50
C LEU C 226 14.34 19.94 27.82
N GLY C 227 13.72 18.82 28.22
CA GLY C 227 13.99 17.55 27.56
C GLY C 227 13.51 17.53 26.12
N GLN C 228 12.40 18.22 25.85
CA GLN C 228 11.91 18.34 24.48
C GLN C 228 12.88 19.14 23.60
N GLN C 229 13.43 20.24 24.14
CA GLN C 229 14.42 21.02 23.41
C GLN C 229 15.68 20.22 23.16
N ALA C 230 16.10 19.42 24.16
CA ALA C 230 17.25 18.54 23.97
C ALA C 230 16.98 17.49 22.90
N ARG C 231 15.75 16.96 22.85
CA ARG C 231 15.41 15.97 21.84
C ARG C 231 15.38 16.56 20.43
N ASP C 232 14.84 17.77 20.28
CA ASP C 232 14.85 18.43 18.96
C ASP C 232 16.27 18.78 18.52
N ALA C 233 17.10 19.24 19.46
CA ALA C 233 18.49 19.56 19.14
C ALA C 233 19.28 18.32 18.74
N LEU C 234 19.04 17.20 19.43
CA LEU C 234 19.71 15.95 19.06
C LEU C 234 19.19 15.42 17.74
N LEU C 235 17.90 15.60 17.44
CA LEU C 235 17.36 15.20 16.14
C LEU C 235 17.97 16.02 15.01
N LEU C 236 18.17 17.32 15.24
CA LEU C 236 18.83 18.16 14.25
C LEU C 236 20.28 17.73 14.03
N LEU C 237 20.99 17.41 15.12
CA LEU C 237 22.35 16.89 15.00
C LEU C 237 22.40 15.57 14.26
N MET C 238 21.40 14.72 14.46
CA MET C 238 21.43 13.41 13.83
C MET C 238 21.07 13.52 12.35
N ALA C 239 20.23 14.51 12.01
CA ALA C 239 19.97 14.83 10.61
C ALA C 239 21.21 15.36 9.92
N LEU C 240 22.00 16.18 10.62
CA LEU C 240 23.27 16.63 10.04
C LEU C 240 24.28 15.50 9.96
N SER C 241 24.21 14.54 10.89
CA SER C 241 25.12 13.41 10.85
C SER C 241 24.68 12.34 9.86
N ALA C 242 23.48 12.47 9.29
CA ALA C 242 23.10 11.61 8.17
C ALA C 242 23.97 11.85 6.94
N GLY C 243 24.44 13.08 6.76
CA GLY C 243 25.27 13.42 5.61
C GLY C 243 26.76 13.46 5.88
N SER C 244 27.21 12.78 6.92
CA SER C 244 28.63 12.76 7.25
C SER C 244 29.04 11.40 7.81
N PRO C 245 30.00 10.71 7.18
CA PRO C 245 30.39 9.38 7.67
C PRO C 245 31.30 9.41 8.89
N THR C 246 32.04 10.51 9.13
CA THR C 246 32.92 10.57 10.28
C THR C 246 32.14 10.77 11.58
N VAL C 247 31.11 11.64 11.54
CA VAL C 247 30.30 11.88 12.73
C VAL C 247 29.44 10.67 13.05
N GLY C 248 28.91 10.02 12.01
CA GLY C 248 28.06 8.85 12.21
C GLY C 248 28.82 7.67 12.80
N ARG C 249 30.05 7.45 12.33
CA ARG C 249 30.89 6.41 12.91
C ARG C 249 31.29 6.76 14.34
N TYR C 250 31.46 8.06 14.64
CA TYR C 250 31.73 8.49 16.00
C TYR C 250 30.56 8.18 16.93
N ILE C 251 29.34 8.47 16.49
CA ILE C 251 28.17 8.23 17.33
C ILE C 251 27.91 6.74 17.48
N ALA C 252 28.10 5.98 16.39
CA ALA C 252 27.83 4.54 16.45
C ALA C 252 28.96 3.77 17.14
N ASP C 253 30.14 4.37 17.29
CA ASP C 253 31.27 3.62 17.82
C ASP C 253 31.97 4.24 19.02
N HIS C 254 32.02 5.56 19.16
CA HIS C 254 32.75 6.21 20.25
C HIS C 254 31.83 7.07 21.10
N SER C 255 30.52 6.84 21.02
CA SER C 255 29.56 7.53 21.85
C SER C 255 28.59 6.51 22.44
N TYR C 256 28.10 6.80 23.64
CA TYR C 256 27.21 5.92 24.35
C TYR C 256 25.75 6.34 24.26
N PHE C 257 25.33 6.88 23.11
CA PHE C 257 23.95 7.33 22.94
C PHE C 257 22.99 6.15 22.85
N CYS C 258 23.35 5.13 22.06
CA CYS C 258 22.52 3.94 21.93
C CYS C 258 22.35 3.14 23.23
N PRO C 259 23.37 2.89 24.06
CA PRO C 259 23.07 2.28 25.38
C PRO C 259 22.24 3.17 26.29
N VAL C 260 22.35 4.50 26.17
CA VAL C 260 21.49 5.40 26.94
C VAL C 260 20.03 5.24 26.53
N LEU C 261 19.78 5.15 25.22
CA LEU C 261 18.41 4.93 24.73
C LEU C 261 17.87 3.56 25.12
N ALA C 262 18.70 2.52 25.00
CA ALA C 262 18.27 1.17 25.34
C ALA C 262 18.00 1.01 26.83
N THR C 263 18.87 1.58 27.68
CA THR C 263 18.63 1.52 29.12
C THR C 263 17.48 2.42 29.54
N GLY C 264 17.22 3.51 28.80
CA GLY C 264 16.05 4.32 29.05
C GLY C 264 14.76 3.58 28.79
N LEU C 265 14.71 2.87 27.66
CA LEU C 265 13.54 2.03 27.37
C LEU C 265 13.40 0.89 28.37
N SER C 266 14.52 0.28 28.76
CA SER C 266 14.48 -0.82 29.73
C SER C 266 14.05 -0.35 31.12
N ALA C 267 14.48 0.85 31.53
CA ALA C 267 14.09 1.37 32.83
C ALA C 267 12.66 1.89 32.81
N LEU C 268 12.20 2.39 31.66
CA LEU C 268 10.82 2.84 31.58
C LEU C 268 9.85 1.68 31.40
N TYR C 269 10.36 0.50 31.03
CA TYR C 269 9.55 -0.71 31.13
C TYR C 269 9.79 -1.37 32.48
N SER C 270 9.70 -0.58 33.56
CA SER C 270 9.60 -1.10 34.91
C SER C 270 8.60 -0.23 35.67
N SER C 271 8.45 1.00 35.20
CA SER C 271 7.52 1.94 35.83
C SER C 271 6.10 1.77 35.32
N LEU C 272 5.91 0.96 34.29
CA LEU C 272 4.56 0.72 33.78
C LEU C 272 3.79 -0.17 34.76
N PRO C 273 2.50 0.09 34.94
CA PRO C 273 1.69 -0.81 35.77
C PRO C 273 1.55 -2.18 35.14
N ARG C 274 1.60 -3.21 35.97
CA ARG C 274 1.37 -4.58 35.53
C ARG C 274 -0.10 -4.98 35.64
N LYS C 275 -0.98 -4.00 35.84
CA LYS C 275 -2.42 -4.20 35.92
C LYS C 275 -3.10 -3.13 35.08
N ILE C 276 -3.98 -3.56 34.19
CA ILE C 276 -4.74 -2.64 33.35
C ILE C 276 -6.06 -2.35 34.05
N GLU C 277 -6.20 -1.13 34.56
CA GLU C 277 -7.41 -0.76 35.29
C GLU C 277 -8.36 0.02 34.39
N VAL C 278 -9.08 -0.68 33.53
CA VAL C 278 -10.11 -0.10 32.68
C VAL C 278 -11.40 -0.86 32.96
N PRO C 279 -12.51 -0.18 33.27
CA PRO C 279 -13.70 -0.89 33.75
C PRO C 279 -14.50 -1.61 32.68
N GLY C 280 -14.40 -1.16 31.43
CA GLY C 280 -15.25 -1.69 30.39
C GLY C 280 -14.84 -3.08 29.94
N ASP C 281 -15.84 -3.93 29.68
CA ASP C 281 -15.59 -5.27 29.18
C ASP C 281 -15.44 -5.32 27.66
N ASP C 282 -15.82 -4.26 26.96
CA ASP C 282 -15.58 -4.18 25.52
C ASP C 282 -14.17 -3.69 25.18
N TRP C 283 -13.37 -3.36 26.19
CA TRP C 283 -11.99 -2.93 25.97
C TRP C 283 -11.14 -4.11 25.51
N HIS C 284 -10.45 -3.93 24.38
CA HIS C 284 -9.58 -4.96 23.84
C HIS C 284 -8.16 -4.48 23.57
N CYS C 285 -7.92 -3.18 23.51
CA CYS C 285 -6.59 -2.64 23.26
C CYS C 285 -6.47 -1.27 23.88
N LEU C 286 -5.24 -0.82 24.07
CA LEU C 286 -4.99 0.46 24.70
C LEU C 286 -5.34 1.59 23.74
N ARG C 287 -6.36 2.37 24.09
CA ARG C 287 -6.79 3.48 23.26
C ARG C 287 -5.96 4.72 23.56
N ARG C 288 -6.26 5.79 22.82
CA ARG C 288 -5.59 7.09 23.03
C ARG C 288 -5.92 7.64 24.41
N GLU C 289 -7.16 7.44 24.87
CA GLU C 289 -7.55 7.88 26.20
C GLU C 289 -6.90 7.06 27.30
N ASP C 290 -6.43 5.86 26.98
CA ASP C 290 -5.88 4.97 28.01
C ASP C 290 -4.41 5.25 28.29
N TRP C 291 -3.57 5.28 27.26
CA TRP C 291 -2.14 5.44 27.50
C TRP C 291 -1.76 6.89 27.79
N LEU C 292 -2.62 7.85 27.51
CA LEU C 292 -2.43 9.19 28.01
C LEU C 292 -2.88 9.34 29.47
N GLY C 293 -3.76 8.47 29.94
CA GLY C 293 -4.21 8.52 31.32
C GLY C 293 -3.22 8.00 32.34
N VAL C 294 -2.26 7.20 31.90
CA VAL C 294 -1.18 6.71 32.75
C VAL C 294 0.07 7.53 32.45
N PRO C 295 0.52 8.36 33.40
CA PRO C 295 1.70 9.20 33.14
C PRO C 295 2.99 8.43 32.97
N ALA C 296 3.08 7.23 33.53
CA ALA C 296 4.28 6.42 33.35
C ALA C 296 4.35 5.86 31.92
N LEU C 297 3.20 5.57 31.32
CA LEU C 297 3.19 5.01 29.98
C LEU C 297 3.44 6.09 28.93
N ALA C 298 3.08 7.33 29.24
CA ALA C 298 3.28 8.43 28.29
C ALA C 298 4.76 8.74 28.10
N LEU C 299 5.56 8.58 29.16
CA LEU C 299 7.00 8.78 29.05
C LEU C 299 7.64 7.71 28.17
N PHE C 300 7.18 6.47 28.31
CA PHE C 300 7.62 5.39 27.42
C PHE C 300 7.21 5.68 25.99
N MET C 301 6.01 6.21 25.79
CA MET C 301 5.53 6.42 24.43
C MET C 301 6.27 7.57 23.76
N SER C 302 6.62 8.61 24.53
CA SER C 302 7.44 9.70 24.01
C SER C 302 8.86 9.23 23.70
N SER C 303 9.42 8.36 24.56
CA SER C 303 10.75 7.81 24.30
C SER C 303 10.76 6.92 23.07
N LEU C 304 9.69 6.14 22.87
CA LEU C 304 9.61 5.27 21.69
C LEU C 304 9.39 6.10 20.42
N GLU C 305 8.66 7.22 20.53
CA GLU C 305 8.54 8.14 19.40
C GLU C 305 9.89 8.77 19.05
N PHE C 306 10.68 9.10 20.07
CA PHE C 306 12.02 9.62 19.83
C PHE C 306 12.92 8.59 19.15
N CYS C 307 12.85 7.34 19.62
CA CYS C 307 13.63 6.26 18.99
C CYS C 307 13.17 6.02 17.56
N ASN C 308 11.87 6.11 17.31
CA ASN C 308 11.32 5.94 15.96
C ASN C 308 11.81 7.04 15.03
N ALA C 309 11.84 8.29 15.53
CA ALA C 309 12.34 9.41 14.71
C ALA C 309 13.83 9.29 14.44
N VAL C 310 14.60 8.83 15.44
CA VAL C 310 16.04 8.65 15.27
C VAL C 310 16.34 7.56 14.24
N ILE C 311 15.59 6.45 14.31
CA ILE C 311 15.72 5.38 13.31
C ILE C 311 15.29 5.85 11.93
N GLN C 312 14.29 6.73 11.87
CA GLN C 312 13.86 7.33 10.60
C GLN C 312 14.97 8.19 9.98
N VAL C 313 15.67 8.96 10.81
CA VAL C 313 16.47 10.07 10.31
C VAL C 313 17.94 9.75 10.14
N ALA C 314 18.58 9.09 11.13
CA ALA C 314 20.02 9.18 11.30
C ALA C 314 20.80 8.27 10.33
N HIS C 315 22.11 8.18 10.60
CA HIS C 315 23.05 7.52 9.71
C HIS C 315 22.88 6.00 9.77
N PRO C 316 23.10 5.28 8.66
CA PRO C 316 22.89 3.82 8.66
C PRO C 316 23.74 3.00 9.64
N LEU C 317 24.99 3.37 9.89
CA LEU C 317 25.78 2.70 10.93
C LEU C 317 25.17 2.95 12.31
N VAL C 318 24.76 4.20 12.55
CA VAL C 318 24.06 4.57 13.77
C VAL C 318 22.72 3.83 13.86
N GLN C 319 22.02 3.71 12.73
CA GLN C 319 20.74 3.01 12.68
C GLN C 319 20.91 1.53 13.04
N LYS C 320 21.94 0.88 12.51
CA LYS C 320 22.17 -0.53 12.84
C LYS C 320 22.62 -0.71 14.28
N GLN C 321 23.40 0.24 14.81
CA GLN C 321 23.79 0.18 16.22
C GLN C 321 22.58 0.32 17.14
N LEU C 322 21.67 1.24 16.82
CA LEU C 322 20.49 1.43 17.66
C LEU C 322 19.51 0.27 17.51
N VAL C 323 19.43 -0.31 16.31
CA VAL C 323 18.66 -1.54 16.08
C VAL C 323 19.17 -2.68 16.96
N ASP C 324 20.49 -2.92 16.94
CA ASP C 324 21.03 -4.05 17.68
C ASP C 324 21.00 -3.80 19.18
N TYR C 325 21.17 -2.55 19.61
CA TYR C 325 21.17 -2.27 21.03
C TYR C 325 19.77 -2.26 21.60
N ILE C 326 18.78 -1.75 20.84
CA ILE C 326 17.38 -1.81 21.27
C ILE C 326 16.92 -3.25 21.37
N HIS C 327 17.28 -4.09 20.39
CA HIS C 327 16.98 -5.52 20.45
C HIS C 327 17.62 -6.17 21.68
N ASN C 328 18.95 -6.21 21.73
CA ASN C 328 19.67 -6.97 22.74
C ASN C 328 19.64 -6.34 24.13
N GLY C 329 19.11 -5.13 24.29
CA GLY C 329 19.04 -4.53 25.60
C GLY C 329 17.65 -4.18 26.06
N PHE C 330 16.64 -4.34 25.21
CA PHE C 330 15.27 -4.11 25.66
C PHE C 330 14.39 -5.32 25.44
N LEU C 331 14.50 -5.98 24.29
CA LEU C 331 13.50 -6.99 23.95
C LEU C 331 13.86 -8.34 24.56
N VAL C 332 15.07 -8.81 24.32
CA VAL C 332 15.56 -10.07 24.88
C VAL C 332 15.67 -10.07 26.41
N PRO C 333 16.34 -9.07 27.10
CA PRO C 333 16.48 -9.24 28.55
C PRO C 333 15.23 -8.87 29.35
N VAL C 334 14.38 -8.01 28.81
CA VAL C 334 13.25 -7.51 29.58
C VAL C 334 11.93 -8.06 29.04
N MET C 335 11.62 -7.75 27.77
CA MET C 335 10.34 -8.14 27.19
C MET C 335 10.26 -9.65 26.94
N GLY C 336 11.40 -10.31 26.83
CA GLY C 336 11.46 -11.75 26.74
C GLY C 336 10.87 -12.47 27.94
N PRO C 337 11.35 -12.15 29.15
CA PRO C 337 10.70 -12.70 30.35
C PRO C 337 9.35 -12.07 30.68
N ALA C 338 9.12 -10.81 30.28
CA ALA C 338 7.90 -10.12 30.67
C ALA C 338 6.66 -10.64 29.96
N LEU C 339 6.81 -11.16 28.75
CA LEU C 339 5.67 -11.76 28.07
C LEU C 339 5.30 -13.10 28.69
N HIS C 340 6.28 -13.82 29.23
CA HIS C 340 6.06 -15.13 29.82
C HIS C 340 5.67 -15.07 31.29
N LYS C 341 5.20 -13.93 31.77
CA LYS C 341 4.70 -13.79 33.14
C LYS C 341 3.41 -14.60 33.28
N THR C 342 3.40 -15.56 34.21
CA THR C 342 2.38 -16.60 34.28
C THR C 342 0.99 -16.08 34.68
N SER C 343 0.92 -15.07 35.55
CA SER C 343 -0.36 -14.57 36.03
C SER C 343 -1.13 -13.88 34.91
N VAL C 344 -2.46 -13.94 35.01
CA VAL C 344 -3.34 -13.61 33.88
C VAL C 344 -3.34 -12.11 33.60
N GLU C 345 -3.41 -11.28 34.64
CA GLU C 345 -3.51 -9.84 34.42
C GLU C 345 -2.18 -9.26 33.94
N GLU C 346 -1.06 -9.83 34.38
CA GLU C 346 0.24 -9.42 33.84
C GLU C 346 0.39 -9.83 32.37
N MET C 347 -0.19 -10.99 32.01
CA MET C 347 -0.23 -11.41 30.61
C MET C 347 -1.05 -10.43 29.77
N ILE C 348 -2.20 -10.00 30.31
CA ILE C 348 -3.05 -9.03 29.62
C ILE C 348 -2.33 -7.70 29.43
N ALA C 349 -1.64 -7.25 30.48
CA ALA C 349 -0.91 -5.98 30.43
C ALA C 349 0.23 -6.05 29.43
N SER C 350 0.99 -7.15 29.44
CA SER C 350 2.13 -7.30 28.52
C SER C 350 1.66 -7.39 27.07
N THR C 351 0.56 -8.13 26.82
CA THR C 351 0.02 -8.24 25.47
C THR C 351 -0.53 -6.91 24.97
N ALA C 352 -1.19 -6.14 25.86
CA ALA C 352 -1.71 -4.83 25.46
C ALA C 352 -0.58 -3.85 25.18
N TYR C 353 0.48 -3.88 26.01
CA TYR C 353 1.64 -3.03 25.77
C TYR C 353 2.31 -3.38 24.45
N LEU C 354 2.46 -4.69 24.17
CA LEU C 354 3.07 -5.15 22.93
C LEU C 354 2.25 -4.73 21.71
N GLU C 355 0.92 -4.82 21.82
CA GLU C 355 0.06 -4.41 20.71
C GLU C 355 0.14 -2.91 20.47
N LEU C 356 0.20 -2.12 21.55
CA LEU C 356 0.36 -0.67 21.40
C LEU C 356 1.70 -0.30 20.77
N PHE C 357 2.77 -1.00 21.16
CA PHE C 357 4.09 -0.70 20.60
C PHE C 357 4.16 -1.08 19.13
N LEU C 358 3.59 -2.24 18.76
CA LEU C 358 3.51 -2.62 17.35
C LEU C 358 2.62 -1.69 16.55
N ARG C 359 1.61 -1.12 17.19
CA ARG C 359 0.75 -0.14 16.52
C ARG C 359 1.40 1.23 16.41
N SER C 360 2.48 1.51 17.15
CA SER C 360 3.09 2.83 17.14
C SER C 360 4.40 2.96 16.37
N ILE C 361 5.08 1.87 16.02
CA ILE C 361 6.26 2.00 15.15
C ILE C 361 5.81 2.27 13.72
N SER C 362 6.46 3.24 13.08
CA SER C 362 6.17 3.57 11.69
C SER C 362 7.31 3.13 10.78
N GLU C 363 8.55 3.19 11.27
CA GLU C 363 9.71 2.88 10.42
C GLU C 363 9.85 1.37 10.25
N PRO C 364 10.24 0.91 9.05
CA PRO C 364 10.40 -0.54 8.86
C PRO C 364 11.62 -1.12 9.55
N ALA C 365 12.61 -0.31 9.90
CA ALA C 365 13.83 -0.85 10.50
C ALA C 365 13.61 -1.27 11.95
N LEU C 366 12.91 -0.44 12.73
CA LEU C 366 12.58 -0.81 14.11
C LEU C 366 11.48 -1.86 14.13
N LEU C 367 10.59 -1.83 13.14
CA LEU C 367 9.57 -2.86 13.02
C LEU C 367 10.19 -4.21 12.69
N ARG C 368 11.29 -4.21 11.92
CA ARG C 368 12.02 -5.44 11.67
C ARG C 368 12.61 -6.00 12.95
N THR C 369 13.08 -5.11 13.84
CA THR C 369 13.62 -5.53 15.14
C THR C 369 12.54 -6.18 15.99
N PHE C 370 11.40 -5.50 16.11
CA PHE C 370 10.29 -6.00 16.92
C PHE C 370 9.76 -7.33 16.38
N LEU C 371 9.62 -7.42 15.06
CA LEU C 371 9.03 -8.62 14.48
C LEU C 371 10.01 -9.79 14.48
N ARG C 372 11.31 -9.51 14.34
CA ARG C 372 12.31 -10.58 14.47
C ARG C 372 12.38 -11.08 15.90
N PHE C 373 12.19 -10.18 16.88
CA PHE C 373 12.13 -10.58 18.27
C PHE C 373 10.89 -11.45 18.54
N LEU C 374 9.76 -11.11 17.91
CA LEU C 374 8.56 -11.92 18.09
C LEU C 374 8.67 -13.27 17.40
N LEU C 375 9.36 -13.33 16.25
CA LEU C 375 9.32 -14.51 15.42
C LEU C 375 10.49 -15.47 15.63
N LEU C 376 11.61 -15.02 16.18
CA LEU C 376 12.79 -15.87 16.27
C LEU C 376 13.31 -16.10 17.68
N HIS C 377 13.00 -15.25 18.64
CA HIS C 377 13.51 -15.42 20.00
C HIS C 377 12.79 -16.57 20.69
N ARG C 378 13.56 -17.46 21.29
CA ARG C 378 13.03 -18.68 21.90
C ARG C 378 13.24 -18.65 23.40
N HIS C 379 12.16 -18.85 24.15
CA HIS C 379 12.19 -18.98 25.60
C HIS C 379 11.48 -20.26 25.99
N ASP C 380 12.05 -20.96 26.98
CA ASP C 380 11.73 -22.33 27.44
C ASP C 380 11.39 -23.29 26.30
N THR C 381 12.27 -23.34 25.30
CA THR C 381 12.18 -24.16 24.08
C THR C 381 10.90 -23.93 23.29
N HIS C 382 10.38 -22.71 23.29
CA HIS C 382 9.21 -22.36 22.49
C HIS C 382 9.39 -20.96 21.91
N THR C 383 8.81 -20.75 20.74
CA THR C 383 8.83 -19.43 20.11
C THR C 383 7.86 -18.52 20.85
N ILE C 384 8.20 -17.22 20.87
CA ILE C 384 7.33 -16.20 21.47
C ILE C 384 6.00 -16.14 20.72
N LEU C 385 6.07 -16.24 19.40
CA LEU C 385 4.84 -16.24 18.59
C LEU C 385 3.99 -17.48 18.86
N ASP C 386 4.62 -18.62 19.15
CA ASP C 386 3.87 -19.82 19.53
C ASP C 386 3.15 -19.62 20.86
N THR C 387 3.82 -18.94 21.80
CA THR C 387 3.18 -18.61 23.08
C THR C 387 2.01 -17.65 22.89
N LEU C 388 2.14 -16.69 21.98
CA LEU C 388 1.04 -15.77 21.73
C LEU C 388 -0.10 -16.43 20.95
N VAL C 389 0.21 -17.44 20.12
CA VAL C 389 -0.81 -18.25 19.47
C VAL C 389 -1.59 -19.04 20.53
N ALA C 390 -0.88 -19.61 21.50
CA ALA C 390 -1.53 -20.40 22.55
C ALA C 390 -2.42 -19.58 23.48
N ARG C 391 -2.28 -18.24 23.48
CA ARG C 391 -3.14 -17.41 24.30
C ARG C 391 -4.41 -16.96 23.59
N ILE C 392 -4.58 -17.31 22.31
CA ILE C 392 -5.85 -17.08 21.65
C ILE C 392 -6.94 -17.95 22.27
N GLY C 393 -6.62 -19.22 22.53
CA GLY C 393 -7.55 -20.11 23.19
C GLY C 393 -7.64 -19.91 24.69
N SER C 394 -8.17 -18.76 25.12
CA SER C 394 -8.40 -18.48 26.52
C SER C 394 -9.82 -17.93 26.69
N ASN C 395 -10.27 -17.88 27.94
CA ASN C 395 -11.68 -17.69 28.24
C ASN C 395 -12.04 -16.27 28.65
N SER C 396 -11.16 -15.29 28.44
CA SER C 396 -11.33 -14.01 29.11
C SER C 396 -10.81 -12.83 28.30
N ARG C 397 -10.54 -11.72 28.99
CA ARG C 397 -9.96 -10.50 28.41
C ARG C 397 -8.59 -10.78 27.77
N LEU C 398 -7.88 -11.81 28.23
CA LEU C 398 -6.65 -12.25 27.59
C LEU C 398 -6.88 -12.66 26.15
N CYS C 399 -8.00 -13.35 25.87
CA CYS C 399 -8.35 -13.70 24.50
C CYS C 399 -8.60 -12.45 23.66
N MET C 400 -9.26 -11.45 24.24
CA MET C 400 -9.58 -10.23 23.49
C MET C 400 -8.32 -9.44 23.16
N VAL C 401 -7.39 -9.31 24.11
CA VAL C 401 -6.15 -8.59 23.80
C VAL C 401 -5.26 -9.42 22.87
N SER C 402 -5.34 -10.75 22.92
CA SER C 402 -4.57 -11.57 22.00
C SER C 402 -5.10 -11.47 20.57
N LEU C 403 -6.43 -11.45 20.42
CA LEU C 403 -7.03 -11.27 19.10
C LEU C 403 -6.74 -9.88 18.55
N SER C 404 -6.71 -8.86 19.42
CA SER C 404 -6.34 -7.53 18.97
C SER C 404 -4.86 -7.46 18.56
N LEU C 405 -3.99 -8.18 19.29
CA LEU C 405 -2.58 -8.25 18.93
C LEU C 405 -2.37 -8.91 17.57
N PHE C 406 -3.09 -10.01 17.31
CA PHE C 406 -2.96 -10.67 16.01
C PHE C 406 -3.66 -9.88 14.91
N ARG C 407 -4.68 -9.09 15.26
CA ARG C 407 -5.26 -8.15 14.31
C ARG C 407 -4.25 -7.10 13.88
N THR C 408 -3.49 -6.56 14.84
CA THR C 408 -2.44 -5.60 14.50
C THR C 408 -1.32 -6.27 13.70
N LEU C 409 -0.98 -7.51 14.05
CA LEU C 409 0.06 -8.25 13.34
C LEU C 409 -0.31 -8.52 11.89
N LEU C 410 -1.57 -8.88 11.64
CA LEU C 410 -2.01 -9.08 10.26
C LEU C 410 -2.23 -7.75 9.55
N ASN C 411 -2.52 -6.69 10.29
CA ASN C 411 -2.68 -5.37 9.68
C ASN C 411 -1.35 -4.73 9.33
N LEU C 412 -0.24 -5.23 9.87
CA LEU C 412 1.08 -4.75 9.43
C LEU C 412 1.42 -5.18 8.01
N SER C 413 0.73 -6.22 7.50
CA SER C 413 0.88 -6.74 6.12
C SER C 413 2.30 -7.22 5.83
N CYS C 414 2.99 -7.68 6.87
CA CYS C 414 4.33 -8.22 6.70
C CYS C 414 4.27 -9.62 6.11
N GLU C 415 5.32 -10.00 5.38
CA GLU C 415 5.41 -11.36 4.85
C GLU C 415 5.55 -12.38 5.97
N ASP C 416 6.45 -12.12 6.90
CA ASP C 416 7.00 -13.19 7.74
C ASP C 416 6.00 -13.68 8.78
N VAL C 417 5.13 -12.79 9.27
CA VAL C 417 4.09 -13.21 10.20
C VAL C 417 3.07 -14.12 9.53
N LEU C 418 2.59 -13.75 8.33
CA LEU C 418 1.61 -14.58 7.64
C LEU C 418 2.23 -15.89 7.18
N LEU C 419 3.50 -15.84 6.77
CA LEU C 419 4.23 -17.05 6.38
C LEU C 419 4.34 -18.02 7.54
N GLN C 420 4.88 -17.54 8.69
CA GLN C 420 5.11 -18.37 9.85
C GLN C 420 3.81 -18.84 10.49
N LEU C 421 2.73 -18.07 10.35
CA LEU C 421 1.46 -18.51 10.91
C LEU C 421 0.81 -19.59 10.06
N VAL C 422 0.54 -19.31 8.78
CA VAL C 422 -0.22 -20.27 8.00
C VAL C 422 0.55 -20.81 6.79
N LEU C 423 1.33 -19.96 6.13
CA LEU C 423 1.77 -20.29 4.78
C LEU C 423 2.91 -21.29 4.79
N ARG C 424 3.70 -21.30 5.86
CA ARG C 424 4.74 -22.32 6.03
C ARG C 424 4.14 -23.72 6.10
N TYR C 425 2.97 -23.84 6.70
CA TYR C 425 2.23 -25.09 6.72
C TYR C 425 1.42 -25.32 5.44
N LEU C 426 1.14 -24.27 4.67
CA LEU C 426 0.40 -24.45 3.42
C LEU C 426 1.28 -24.53 2.17
N VAL C 427 2.58 -24.20 2.28
CA VAL C 427 3.48 -24.38 1.12
C VAL C 427 3.64 -25.83 0.66
N PRO C 428 3.88 -26.84 1.51
CA PRO C 428 4.02 -28.21 0.97
C PRO C 428 2.76 -28.80 0.36
N CYS C 429 1.58 -28.21 0.61
CA CYS C 429 0.31 -28.55 -0.04
C CYS C 429 -0.07 -30.02 0.20
N ASN C 430 0.17 -30.50 1.42
CA ASN C 430 -0.14 -31.87 1.77
C ASN C 430 -1.55 -32.06 2.31
N HIS C 431 -2.26 -30.97 2.61
CA HIS C 431 -3.62 -31.09 3.12
C HIS C 431 -4.61 -31.50 2.04
N VAL C 432 -4.23 -31.34 0.78
CA VAL C 432 -5.04 -31.79 -0.34
C VAL C 432 -4.53 -33.15 -0.80
N MET C 433 -5.44 -34.03 -1.20
CA MET C 433 -5.01 -35.31 -1.75
C MET C 433 -4.43 -35.15 -3.15
N LEU C 434 -4.00 -36.28 -3.73
CA LEU C 434 -3.07 -36.25 -4.85
C LEU C 434 -3.73 -35.78 -6.14
N SER C 435 -5.04 -35.98 -6.29
CA SER C 435 -5.68 -35.72 -7.57
C SER C 435 -6.39 -34.36 -7.63
N GLN C 436 -6.43 -33.62 -6.53
CA GLN C 436 -7.17 -32.36 -6.47
C GLN C 436 -6.22 -31.17 -6.25
N LYS C 437 -4.91 -31.41 -6.37
CA LYS C 437 -3.92 -30.34 -6.32
C LYS C 437 -4.07 -29.23 -7.38
N PRO C 438 -4.57 -29.47 -8.62
CA PRO C 438 -4.92 -28.33 -9.48
C PRO C 438 -6.03 -27.42 -8.97
N ALA C 439 -6.85 -27.86 -8.01
CA ALA C 439 -8.00 -27.07 -7.59
C ALA C 439 -7.62 -25.91 -6.67
N VAL C 440 -6.35 -25.78 -6.32
CA VAL C 440 -5.88 -24.64 -5.51
C VAL C 440 -6.04 -23.34 -6.29
N ARG C 441 -5.73 -23.37 -7.59
CA ARG C 441 -5.70 -22.16 -8.40
C ARG C 441 -7.05 -21.81 -9.03
N ASP C 442 -8.08 -22.62 -8.82
CA ASP C 442 -9.40 -22.32 -9.36
C ASP C 442 -10.03 -21.13 -8.64
N VAL C 443 -10.86 -20.40 -9.38
CA VAL C 443 -11.50 -19.19 -8.90
C VAL C 443 -13.01 -19.42 -8.90
N ASP C 444 -13.67 -19.08 -7.79
CA ASP C 444 -15.12 -19.24 -7.66
C ASP C 444 -15.78 -18.14 -8.49
N LEU C 445 -15.94 -18.43 -9.77
CA LEU C 445 -16.48 -17.43 -10.69
C LEU C 445 -17.99 -17.28 -10.53
N TYR C 446 -18.70 -18.41 -10.38
CA TYR C 446 -20.15 -18.43 -10.54
C TYR C 446 -20.91 -18.49 -9.22
N GLY C 447 -20.24 -18.23 -8.09
CA GLY C 447 -20.93 -18.13 -6.82
C GLY C 447 -21.29 -19.43 -6.16
N ARG C 448 -20.50 -20.49 -6.37
CA ARG C 448 -20.73 -21.73 -5.62
C ARG C 448 -20.41 -21.54 -4.14
N ALA C 449 -19.34 -20.80 -3.86
CA ALA C 449 -18.88 -20.62 -2.48
C ALA C 449 -19.84 -19.75 -1.68
N ALA C 450 -20.34 -18.67 -2.29
CA ALA C 450 -21.30 -17.82 -1.61
C ALA C 450 -22.60 -18.55 -1.35
N ASP C 451 -23.03 -19.40 -2.29
CA ASP C 451 -24.24 -20.19 -2.10
C ASP C 451 -24.04 -21.23 -1.00
N LYS C 452 -22.87 -21.86 -0.95
CA LYS C 452 -22.59 -22.86 0.07
C LYS C 452 -22.50 -22.23 1.45
N PHE C 453 -21.96 -21.01 1.54
CA PHE C 453 -21.91 -20.33 2.83
C PHE C 453 -23.28 -19.81 3.25
N LEU C 454 -24.07 -19.30 2.30
CA LEU C 454 -25.38 -18.76 2.66
C LEU C 454 -26.43 -19.85 2.87
N SER C 455 -26.14 -21.09 2.45
CA SER C 455 -27.03 -22.19 2.76
C SER C 455 -26.95 -22.61 4.23
N LEU C 456 -25.88 -22.23 4.93
CA LEU C 456 -25.70 -22.62 6.32
C LEU C 456 -26.33 -21.65 7.31
N ILE C 457 -27.06 -20.64 6.84
CA ILE C 457 -27.78 -19.70 7.70
C ILE C 457 -28.88 -20.48 8.41
N PRO C 458 -28.99 -20.37 9.74
CA PRO C 458 -29.93 -21.22 10.48
C PRO C 458 -31.39 -20.89 10.18
N ARG C 459 -32.24 -21.90 10.35
CA ARG C 459 -33.66 -21.76 10.03
C ARG C 459 -34.36 -20.85 11.03
N CYS C 460 -33.87 -20.80 12.27
CA CYS C 460 -34.41 -19.87 13.26
C CYS C 460 -34.08 -18.42 12.91
N CYS C 461 -32.93 -18.17 12.28
CA CYS C 461 -32.50 -16.82 11.95
C CYS C 461 -33.05 -16.32 10.63
N ARG C 462 -33.61 -17.22 9.81
CA ARG C 462 -34.20 -16.80 8.55
C ARG C 462 -35.49 -16.02 8.79
N HIS C 463 -35.72 -15.02 7.94
CA HIS C 463 -36.86 -14.11 8.12
C HIS C 463 -38.15 -14.83 7.78
N HIS C 464 -39.06 -14.92 8.76
CA HIS C 464 -40.35 -15.53 8.54
C HIS C 464 -41.25 -14.61 7.71
N ALA C 465 -42.22 -15.22 7.03
CA ALA C 465 -43.15 -14.47 6.20
C ALA C 465 -44.23 -13.79 7.05
N GLY C 545 -34.37 -4.37 12.36
CA GLY C 545 -34.64 -5.27 11.26
C GLY C 545 -33.91 -4.91 9.98
N GLU C 546 -32.75 -4.26 10.13
CA GLU C 546 -31.94 -3.86 8.98
C GLU C 546 -31.04 -5.00 8.51
N LEU C 547 -31.06 -6.14 9.18
CA LEU C 547 -30.22 -7.30 8.94
C LEU C 547 -30.85 -8.28 7.96
N GLU C 548 -31.95 -7.91 7.30
CA GLU C 548 -32.61 -8.84 6.40
C GLU C 548 -32.04 -8.76 4.98
N ASP C 549 -31.58 -7.58 4.55
CA ASP C 549 -31.16 -7.42 3.16
C ASP C 549 -29.90 -6.58 2.99
N ASN C 550 -28.95 -6.63 3.93
CA ASN C 550 -27.75 -5.82 3.87
C ASN C 550 -26.57 -6.52 3.18
N TYR C 551 -26.84 -7.42 2.23
CA TYR C 551 -25.77 -8.15 1.56
C TYR C 551 -24.96 -7.26 0.62
N LEU C 552 -25.55 -6.14 0.16
CA LEU C 552 -24.81 -5.21 -0.69
C LEU C 552 -23.69 -4.51 0.07
N GLU C 553 -23.94 -4.17 1.34
CA GLU C 553 -22.92 -3.48 2.13
C GLU C 553 -21.76 -4.40 2.47
N TYR C 554 -22.00 -5.70 2.57
CA TYR C 554 -20.90 -6.64 2.78
C TYR C 554 -20.10 -6.84 1.51
N LEU C 555 -20.72 -6.65 0.34
CA LEU C 555 -19.99 -6.74 -0.92
C LEU C 555 -19.05 -5.55 -1.10
N ARG C 556 -19.45 -4.39 -0.58
CA ARG C 556 -18.60 -3.21 -0.68
C ARG C 556 -17.35 -3.33 0.18
N GLU C 557 -17.52 -3.81 1.42
CA GLU C 557 -16.38 -3.90 2.33
C GLU C 557 -15.53 -5.12 2.03
N ALA C 558 -16.08 -6.09 1.30
CA ALA C 558 -15.23 -7.15 0.77
C ALA C 558 -14.40 -6.65 -0.40
N ARG C 559 -14.90 -5.66 -1.14
CA ARG C 559 -14.13 -5.11 -2.24
C ARG C 559 -12.96 -4.29 -1.72
N ARG C 560 -13.17 -3.49 -0.66
CA ARG C 560 -12.06 -2.76 -0.08
C ARG C 560 -11.16 -3.67 0.74
N GLY C 561 -11.69 -4.80 1.20
CA GLY C 561 -10.87 -5.75 1.93
C GLY C 561 -9.89 -6.50 1.05
N VAL C 562 -10.34 -6.91 -0.14
CA VAL C 562 -9.45 -7.59 -1.08
C VAL C 562 -8.48 -6.61 -1.70
N ASP C 563 -8.93 -5.38 -1.99
CA ASP C 563 -8.07 -4.38 -2.63
C ASP C 563 -6.95 -3.92 -1.69
N ARG C 564 -7.25 -3.84 -0.39
CA ARG C 564 -6.22 -3.47 0.58
C ARG C 564 -5.17 -4.56 0.71
N CYS C 565 -5.60 -5.83 0.70
CA CYS C 565 -4.66 -6.93 0.86
C CYS C 565 -3.94 -7.28 -0.44
N VAL C 566 -4.39 -6.74 -1.57
CA VAL C 566 -3.68 -6.92 -2.83
C VAL C 566 -2.58 -5.87 -2.98
N ARG C 567 -2.91 -4.62 -2.66
CA ARG C 567 -1.95 -3.53 -2.80
C ARG C 567 -0.86 -3.61 -1.73
N ALA C 568 -1.18 -4.21 -0.58
CA ALA C 568 -0.18 -4.37 0.47
C ALA C 568 0.63 -5.65 0.32
N CYS C 569 0.34 -6.46 -0.70
CA CYS C 569 1.12 -7.66 -0.98
C CYS C 569 1.87 -7.56 -2.31
N ARG C 570 2.02 -6.35 -2.86
CA ARG C 570 2.70 -6.21 -4.14
C ARG C 570 4.21 -6.37 -4.02
N THR C 571 4.76 -6.11 -2.83
CA THR C 571 6.18 -6.25 -2.58
C THR C 571 6.55 -7.63 -2.06
N TRP C 572 5.65 -8.60 -2.17
CA TRP C 572 5.86 -9.90 -1.57
C TRP C 572 6.67 -10.81 -2.50
N SER C 573 7.39 -11.76 -1.90
CA SER C 573 8.37 -12.54 -2.64
C SER C 573 7.74 -13.61 -3.52
N ALA C 574 6.60 -14.17 -3.12
CA ALA C 574 6.00 -15.28 -3.85
C ALA C 574 4.49 -15.08 -3.86
N PRO C 575 3.81 -15.58 -4.90
CA PRO C 575 2.35 -15.49 -4.90
C PRO C 575 1.67 -16.57 -4.07
N TYR C 576 2.38 -17.65 -3.74
CA TYR C 576 1.86 -18.82 -3.00
C TYR C 576 0.64 -19.42 -3.70
N ASP C 577 0.80 -19.72 -4.98
CA ASP C 577 -0.25 -20.31 -5.79
C ASP C 577 -0.21 -21.83 -5.85
N GLY C 578 0.61 -22.46 -5.02
CA GLY C 578 0.79 -23.89 -5.05
C GLY C 578 1.89 -24.37 -5.97
N GLU C 579 2.50 -23.47 -6.73
CA GLU C 579 3.63 -23.80 -7.61
C GLU C 579 4.90 -23.06 -7.23
N ARG C 580 4.80 -21.78 -6.91
CA ARG C 580 5.95 -20.98 -6.47
C ARG C 580 5.71 -20.46 -5.06
N PRO C 581 6.31 -21.06 -4.02
CA PRO C 581 7.18 -22.24 -4.05
C PRO C 581 6.41 -23.55 -4.08
N PRO C 733 3.82 -34.07 11.48
CA PRO C 733 3.12 -35.35 11.39
C PRO C 733 3.10 -35.91 9.97
N SER C 734 2.95 -37.23 9.84
CA SER C 734 2.86 -37.86 8.53
C SER C 734 1.57 -37.46 7.82
N GLN C 735 0.45 -37.54 8.52
CA GLN C 735 -0.78 -36.93 8.02
C GLN C 735 -0.64 -35.42 8.09
N PRO C 736 -1.23 -34.67 7.16
CA PRO C 736 -0.98 -33.23 7.08
C PRO C 736 -1.56 -32.45 8.25
N PHE C 737 -0.89 -31.35 8.58
CA PHE C 737 -1.25 -30.51 9.70
C PHE C 737 -1.11 -29.05 9.28
N THR C 738 -2.13 -28.26 9.55
CA THR C 738 -2.24 -26.90 9.00
C THR C 738 -1.68 -25.84 9.94
N GLY C 739 -1.03 -26.23 11.03
CA GLY C 739 -0.37 -25.28 11.89
C GLY C 739 -1.13 -24.98 13.17
N PRO C 740 -0.40 -24.59 14.21
CA PRO C 740 -1.06 -24.30 15.50
C PRO C 740 -1.91 -23.04 15.48
N PHE C 741 -1.71 -22.14 14.52
CA PHE C 741 -2.57 -20.97 14.44
C PHE C 741 -3.93 -21.32 13.85
N MET C 742 -3.96 -22.27 12.92
CA MET C 742 -5.22 -22.67 12.30
C MET C 742 -6.04 -23.55 13.24
N ALA C 743 -5.37 -24.41 14.01
CA ALA C 743 -6.08 -25.31 14.91
C ALA C 743 -6.72 -24.54 16.07
N VAL C 744 -6.01 -23.55 16.61
CA VAL C 744 -6.53 -22.77 17.72
C VAL C 744 -7.66 -21.85 17.26
N LEU C 745 -7.51 -21.25 16.07
CA LEU C 745 -8.54 -20.34 15.55
C LEU C 745 -9.83 -21.08 15.20
N PHE C 746 -9.71 -22.31 14.69
CA PHE C 746 -10.91 -23.07 14.36
C PHE C 746 -11.57 -23.64 15.60
N ALA C 747 -10.78 -24.06 16.59
CA ALA C 747 -11.35 -24.59 17.82
C ALA C 747 -12.03 -23.50 18.64
N LYS C 748 -11.49 -22.28 18.60
CA LYS C 748 -12.16 -21.17 19.27
C LYS C 748 -13.38 -20.70 18.48
N LEU C 749 -13.37 -20.90 17.16
CA LEU C 749 -14.55 -20.60 16.35
C LEU C 749 -15.63 -21.66 16.51
N GLU C 750 -15.24 -22.90 16.80
CA GLU C 750 -16.21 -23.96 17.03
C GLU C 750 -16.95 -23.79 18.34
N ASN C 751 -16.39 -23.04 19.29
CA ASN C 751 -17.02 -22.74 20.56
C ASN C 751 -17.75 -21.40 20.54
N MET C 752 -18.36 -21.04 19.40
CA MET C 752 -18.89 -19.69 19.20
C MET C 752 -20.10 -19.41 20.09
N LEU C 753 -20.79 -20.45 20.56
CA LEU C 753 -21.91 -20.23 21.47
C LEU C 753 -21.43 -19.84 22.86
N GLN C 754 -20.35 -20.45 23.33
CA GLN C 754 -19.89 -20.22 24.70
C GLN C 754 -19.10 -18.91 24.83
N ASN C 755 -18.59 -18.39 23.72
CA ASN C 755 -17.76 -17.19 23.77
C ASN C 755 -18.61 -15.94 23.96
N SER C 756 -17.95 -14.85 24.36
CA SER C 756 -18.62 -13.58 24.52
C SER C 756 -18.92 -12.95 23.17
N VAL C 757 -19.76 -11.91 23.19
CA VAL C 757 -20.11 -11.22 21.95
C VAL C 757 -18.93 -10.41 21.42
N TYR C 758 -18.08 -9.92 22.33
CA TYR C 758 -16.93 -9.14 21.90
C TYR C 758 -15.75 -10.03 21.53
N VAL C 759 -15.70 -11.25 22.07
CA VAL C 759 -14.71 -12.23 21.63
C VAL C 759 -15.03 -12.69 20.21
N ASN C 760 -16.31 -12.94 19.93
CA ASN C 760 -16.72 -13.40 18.60
C ASN C 760 -16.56 -12.30 17.56
N PHE C 761 -16.67 -11.04 17.99
CA PHE C 761 -16.49 -9.91 17.08
C PHE C 761 -15.07 -9.82 16.55
N LEU C 762 -14.09 -10.02 17.42
CA LEU C 762 -12.69 -10.00 16.99
C LEU C 762 -12.31 -11.30 16.31
N LEU C 763 -12.92 -12.41 16.72
CA LEU C 763 -12.60 -13.71 16.12
C LEU C 763 -13.11 -13.80 14.70
N THR C 764 -14.32 -13.30 14.44
CA THR C 764 -14.80 -13.21 13.07
C THR C 764 -14.09 -12.09 12.31
N GLY C 765 -13.56 -11.12 13.05
CA GLY C 765 -12.74 -10.08 12.42
C GLY C 765 -11.44 -10.63 11.87
N LEU C 766 -10.85 -11.62 12.54
CA LEU C 766 -9.59 -12.18 12.09
C LEU C 766 -9.78 -13.05 10.85
N VAL C 767 -10.82 -13.88 10.85
CA VAL C 767 -11.04 -14.81 9.73
C VAL C 767 -11.46 -14.05 8.47
N ALA C 768 -12.24 -12.98 8.63
CA ALA C 768 -12.60 -12.15 7.48
C ALA C 768 -11.38 -11.41 6.93
N GLN C 769 -10.50 -10.94 7.83
CA GLN C 769 -9.29 -10.25 7.39
C GLN C 769 -8.29 -11.23 6.80
N LEU C 770 -8.26 -12.47 7.29
CA LEU C 770 -7.35 -13.46 6.76
C LEU C 770 -7.82 -13.97 5.39
N ALA C 771 -9.13 -14.07 5.20
CA ALA C 771 -9.67 -14.56 3.93
C ALA C 771 -9.54 -13.53 2.82
N CYS C 772 -9.31 -12.26 3.14
CA CYS C 772 -9.10 -11.24 2.13
C CYS C 772 -7.71 -11.30 1.51
N HIS C 773 -6.81 -12.12 2.05
CA HIS C 773 -5.47 -12.25 1.47
C HIS C 773 -5.55 -12.93 0.11
N PRO C 774 -4.82 -12.43 -0.89
CA PRO C 774 -4.99 -12.95 -2.25
C PRO C 774 -4.17 -14.19 -2.56
N GLN C 775 -3.56 -14.83 -1.56
CA GLN C 775 -2.74 -16.00 -1.78
C GLN C 775 -3.63 -17.19 -2.11
N PRO C 776 -3.44 -17.84 -3.27
CA PRO C 776 -4.33 -18.95 -3.66
C PRO C 776 -4.23 -20.17 -2.76
N LEU C 777 -3.13 -20.37 -2.05
CA LEU C 777 -3.07 -21.47 -1.09
C LEU C 777 -3.92 -21.16 0.14
N LEU C 778 -3.90 -19.90 0.59
CA LEU C 778 -4.71 -19.51 1.74
C LEU C 778 -6.17 -19.33 1.36
N ARG C 779 -6.43 -18.87 0.13
CA ARG C 779 -7.80 -18.60 -0.29
C ARG C 779 -8.57 -19.88 -0.58
N SER C 780 -7.89 -20.90 -1.11
CA SER C 780 -8.57 -22.15 -1.43
C SER C 780 -8.86 -22.96 -0.17
N PHE C 781 -8.04 -22.79 0.86
CA PHE C 781 -8.25 -23.52 2.11
C PHE C 781 -9.46 -22.98 2.87
N LEU C 782 -9.73 -21.68 2.74
CA LEU C 782 -10.80 -21.07 3.52
C LEU C 782 -12.09 -20.94 2.72
N LEU C 783 -12.03 -20.39 1.51
CA LEU C 783 -13.22 -19.98 0.79
C LEU C 783 -13.66 -20.94 -0.31
N ASN C 784 -12.81 -21.83 -0.79
CA ASN C 784 -13.19 -22.71 -1.90
C ASN C 784 -13.89 -23.92 -1.30
N THR C 785 -15.22 -23.88 -1.31
CA THR C 785 -16.04 -24.86 -0.61
C THR C 785 -16.09 -26.22 -1.28
N ASN C 786 -15.80 -26.30 -2.58
CA ASN C 786 -15.82 -27.55 -3.30
C ASN C 786 -14.56 -28.38 -3.07
N MET C 787 -13.57 -27.81 -2.39
CA MET C 787 -12.38 -28.56 -2.05
C MET C 787 -12.68 -29.57 -0.96
N VAL C 788 -12.21 -30.80 -1.15
CA VAL C 788 -12.27 -31.84 -0.13
C VAL C 788 -10.82 -32.13 0.25
N PHE C 789 -10.60 -32.41 1.52
CA PHE C 789 -9.24 -32.54 2.05
C PHE C 789 -9.01 -33.93 2.63
N GLN C 790 -7.80 -34.13 3.14
CA GLN C 790 -7.46 -35.33 3.87
C GLN C 790 -8.21 -35.36 5.20
N PRO C 791 -8.53 -36.55 5.72
CA PRO C 791 -9.40 -36.64 6.91
C PRO C 791 -8.84 -36.02 8.19
N SER C 792 -7.53 -35.81 8.27
CA SER C 792 -6.96 -35.15 9.45
C SER C 792 -7.17 -33.65 9.42
N VAL C 793 -7.53 -33.09 8.27
CA VAL C 793 -7.63 -31.64 8.08
C VAL C 793 -9.07 -31.20 8.35
N LYS C 794 -9.22 -30.17 9.17
CA LYS C 794 -10.52 -29.56 9.43
C LYS C 794 -10.63 -28.29 8.61
N SER C 795 -11.62 -28.25 7.71
CA SER C 795 -11.83 -27.07 6.89
C SER C 795 -12.61 -26.02 7.66
N LEU C 796 -12.72 -24.83 7.06
CA LEU C 796 -13.58 -23.80 7.62
C LEU C 796 -15.05 -24.15 7.44
N LEU C 797 -15.37 -24.92 6.39
CA LEU C 797 -16.75 -25.33 6.15
C LEU C 797 -17.22 -26.37 7.17
N GLN C 798 -16.32 -27.26 7.58
CA GLN C 798 -16.68 -28.27 8.58
C GLN C 798 -16.86 -27.65 9.96
N VAL C 799 -16.05 -26.63 10.29
CA VAL C 799 -16.18 -25.94 11.56
C VAL C 799 -17.48 -25.14 11.61
N LEU C 800 -17.79 -24.42 10.52
CA LEU C 800 -19.02 -23.62 10.48
C LEU C 800 -20.26 -24.50 10.38
N GLY C 801 -20.12 -25.71 9.84
CA GLY C 801 -21.24 -26.65 9.88
C GLY C 801 -21.54 -27.13 11.28
N SER C 802 -20.50 -27.30 12.10
CA SER C 802 -20.71 -27.73 13.48
C SER C 802 -21.33 -26.63 14.32
N VAL C 803 -21.01 -25.37 14.01
CA VAL C 803 -21.65 -24.24 14.67
C VAL C 803 -23.12 -24.17 14.28
N LYS C 804 -23.41 -24.49 13.01
CA LYS C 804 -24.79 -24.48 12.50
C LYS C 804 -25.64 -25.54 13.20
N ASN C 805 -25.06 -26.70 13.49
CA ASN C 805 -25.78 -27.74 14.22
C ASN C 805 -26.02 -27.34 15.66
N LYS C 806 -25.02 -26.72 16.30
CA LYS C 806 -25.13 -26.39 17.72
C LYS C 806 -26.03 -25.18 17.95
N ILE C 807 -26.18 -24.32 16.94
CA ILE C 807 -27.00 -23.13 17.13
C ILE C 807 -28.47 -23.48 16.91
N GLU C 808 -28.74 -24.60 16.21
CA GLU C 808 -30.12 -25.03 16.03
C GLU C 808 -30.57 -25.94 17.17
N ASN C 809 -29.62 -26.64 17.80
CA ASN C 809 -29.95 -27.42 18.99
C ASN C 809 -30.26 -26.51 20.17
N PHE C 810 -29.60 -25.35 20.24
CA PHE C 810 -29.96 -24.34 21.23
C PHE C 810 -31.31 -23.72 20.87
N ALA C 811 -31.63 -23.67 19.58
CA ALA C 811 -32.91 -23.11 19.14
C ALA C 811 -34.10 -23.97 19.57
N ALA C 812 -33.97 -25.30 19.45
CA ALA C 812 -35.09 -26.17 19.79
C ALA C 812 -35.27 -26.31 21.29
N SER C 813 -34.18 -26.20 22.06
CA SER C 813 -34.24 -26.44 23.50
C SER C 813 -34.59 -25.20 24.31
N GLN C 814 -34.54 -24.01 23.71
CA GLN C 814 -34.82 -22.78 24.42
C GLN C 814 -36.18 -22.23 23.98
N GLU C 815 -36.99 -21.83 24.95
CA GLU C 815 -38.40 -21.52 24.69
C GLU C 815 -38.62 -20.09 24.20
N ASP C 816 -37.89 -19.13 24.76
CA ASP C 816 -38.19 -17.71 24.58
C ASP C 816 -37.37 -17.12 23.42
N PHE C 817 -36.90 -17.96 22.50
CA PHE C 817 -35.86 -17.58 21.55
C PHE C 817 -36.29 -16.51 20.52
N PRO C 818 -37.48 -16.59 19.85
CA PRO C 818 -37.82 -15.50 18.91
C PRO C 818 -38.02 -14.14 19.55
N ALA C 819 -38.43 -14.10 20.82
CA ALA C 819 -38.50 -12.82 21.52
C ALA C 819 -37.10 -12.36 21.92
N LEU C 820 -36.21 -13.30 22.22
CA LEU C 820 -34.84 -12.93 22.60
C LEU C 820 -34.03 -12.48 21.38
N LEU C 821 -34.36 -13.00 20.19
CA LEU C 821 -33.68 -12.55 18.98
C LEU C 821 -34.04 -11.11 18.65
N SER C 822 -35.29 -10.72 18.91
CA SER C 822 -35.74 -9.38 18.55
C SER C 822 -35.09 -8.31 19.43
N LYS C 823 -34.96 -8.60 20.73
CA LYS C 823 -34.39 -7.61 21.63
C LYS C 823 -32.87 -7.55 21.52
N ALA C 824 -32.23 -8.70 21.24
CA ALA C 824 -30.77 -8.72 21.13
C ALA C 824 -30.33 -8.10 19.80
N LYS C 825 -31.15 -8.21 18.76
CA LYS C 825 -30.85 -7.52 17.51
C LYS C 825 -30.95 -6.01 17.70
N LYS C 826 -32.05 -5.54 18.29
CA LYS C 826 -32.32 -4.10 18.39
C LYS C 826 -31.34 -3.39 19.32
N TYR C 827 -30.67 -4.14 20.20
CA TYR C 827 -29.55 -3.57 20.95
C TYR C 827 -28.35 -3.34 20.03
N LEU C 828 -28.12 -4.23 19.09
CA LEU C 828 -26.88 -4.21 18.33
C LEU C 828 -26.88 -3.13 17.25
N ILE C 829 -28.05 -2.83 16.67
CA ILE C 829 -28.16 -1.62 15.84
C ILE C 829 -27.94 -0.38 16.70
N ALA C 830 -28.54 -0.35 17.89
CA ALA C 830 -28.50 0.84 18.73
C ALA C 830 -27.12 1.10 19.31
N ARG C 831 -26.26 0.09 19.39
CA ARG C 831 -24.88 0.34 19.77
C ARG C 831 -24.13 1.07 18.67
N GLY C 832 -24.46 0.78 17.42
CA GLY C 832 -23.94 1.55 16.30
C GLY C 832 -24.54 2.94 16.17
N LYS C 833 -25.59 3.25 16.93
CA LYS C 833 -26.18 4.58 16.98
C LYS C 833 -25.80 5.36 18.22
N LEU C 834 -25.44 4.70 19.32
CA LEU C 834 -24.95 5.43 20.47
C LEU C 834 -23.45 5.74 20.36
N ASP C 835 -22.80 5.24 19.31
CA ASP C 835 -21.43 5.66 19.02
C ASP C 835 -21.38 7.11 18.58
N ARG C 914 -27.37 -20.00 38.53
CA ARG C 914 -28.28 -18.95 38.13
C ARG C 914 -27.59 -17.96 37.19
N GLN C 915 -26.35 -17.58 37.51
CA GLN C 915 -25.58 -16.74 36.61
C GLN C 915 -25.12 -17.53 35.39
N GLY C 916 -24.80 -18.82 35.58
CA GLY C 916 -24.32 -19.64 34.48
C GLY C 916 -25.39 -19.90 33.42
N GLU C 917 -26.64 -20.05 33.86
CA GLU C 917 -27.74 -20.16 32.90
C GLU C 917 -28.00 -18.82 32.22
N ALA C 918 -27.86 -17.72 32.96
CA ALA C 918 -28.10 -16.40 32.39
C ALA C 918 -26.97 -16.01 31.43
N LEU C 919 -25.75 -16.46 31.71
CA LEU C 919 -24.63 -16.14 30.82
C LEU C 919 -24.68 -16.99 29.55
N ARG C 920 -25.06 -18.27 29.68
CA ARG C 920 -25.11 -19.15 28.52
C ARG C 920 -26.25 -18.77 27.59
N VAL C 921 -27.36 -18.29 28.15
CA VAL C 921 -28.46 -17.78 27.32
C VAL C 921 -28.03 -16.52 26.59
N LYS C 922 -27.35 -15.61 27.30
CA LYS C 922 -27.05 -14.29 26.75
C LYS C 922 -26.00 -14.37 25.64
N ASN C 923 -25.04 -15.29 25.78
CA ASN C 923 -23.99 -15.43 24.77
C ASN C 923 -24.51 -16.09 23.50
N ALA C 924 -25.32 -17.13 23.63
CA ALA C 924 -25.76 -17.89 22.47
C ALA C 924 -26.81 -17.14 21.66
N VAL C 925 -27.64 -16.32 22.32
CA VAL C 925 -28.57 -15.46 21.59
C VAL C 925 -27.81 -14.38 20.84
N TYR C 926 -26.72 -13.86 21.43
CA TYR C 926 -25.82 -12.97 20.69
C TYR C 926 -25.16 -13.69 19.52
N CYS C 927 -24.88 -14.98 19.67
CA CYS C 927 -24.23 -15.74 18.62
C CYS C 927 -25.15 -15.92 17.41
N ALA C 928 -26.46 -15.92 17.63
CA ALA C 928 -27.41 -16.03 16.53
C ALA C 928 -27.59 -14.73 15.76
N VAL C 929 -27.03 -13.63 16.25
CA VAL C 929 -27.05 -12.38 15.48
C VAL C 929 -25.75 -12.24 14.69
N ILE C 930 -24.65 -12.78 15.21
CA ILE C 930 -23.36 -12.65 14.55
C ILE C 930 -23.25 -13.65 13.40
N PHE C 931 -23.66 -14.90 13.65
CA PHE C 931 -23.33 -16.01 12.75
C PHE C 931 -23.92 -15.91 11.34
N PRO C 932 -25.18 -15.50 11.10
CA PRO C 932 -25.59 -15.32 9.70
C PRO C 932 -24.90 -14.16 9.00
N GLU C 933 -24.51 -13.11 9.74
CA GLU C 933 -23.79 -12.01 9.08
C GLU C 933 -22.29 -12.21 9.11
N PHE C 934 -21.78 -13.14 9.91
CA PHE C 934 -20.48 -13.72 9.62
C PHE C 934 -20.53 -14.53 8.33
N LEU C 935 -21.66 -15.19 8.09
CA LEU C 935 -21.84 -16.00 6.89
C LEU C 935 -22.03 -15.12 5.65
N LYS C 936 -22.60 -13.94 5.83
CA LYS C 936 -22.67 -12.97 4.72
C LYS C 936 -21.29 -12.41 4.41
N GLU C 937 -20.44 -12.25 5.44
CA GLU C 937 -19.13 -11.64 5.24
C GLU C 937 -18.19 -12.59 4.53
N LEU C 938 -18.22 -13.87 4.90
CA LEU C 938 -17.39 -14.86 4.21
C LEU C 938 -17.87 -15.12 2.79
N ALA C 939 -19.18 -14.97 2.56
CA ALA C 939 -19.71 -15.14 1.21
C ALA C 939 -19.27 -13.99 0.31
N ALA C 940 -19.31 -12.76 0.82
CA ALA C 940 -19.01 -11.59 0.00
C ALA C 940 -17.53 -11.50 -0.33
N ILE C 941 -16.66 -11.96 0.58
CA ILE C 941 -15.23 -11.98 0.31
C ILE C 941 -14.92 -12.99 -0.80
N SER C 942 -15.59 -14.15 -0.77
CA SER C 942 -15.42 -15.13 -1.83
C SER C 942 -16.02 -14.66 -3.15
N GLN C 943 -17.01 -13.75 -3.09
CA GLN C 943 -17.52 -13.15 -4.31
C GLN C 943 -16.51 -12.16 -4.89
N ALA C 944 -15.89 -11.35 -4.04
CA ALA C 944 -15.05 -10.25 -4.53
C ALA C 944 -13.68 -10.74 -4.99
N HIS C 945 -13.31 -11.97 -4.68
CA HIS C 945 -12.02 -12.49 -5.13
C HIS C 945 -12.04 -12.84 -6.62
N ALA C 946 -13.21 -13.09 -7.19
CA ALA C 946 -13.35 -13.33 -8.61
C ALA C 946 -13.51 -12.06 -9.42
N VAL C 947 -13.55 -10.91 -8.76
CA VAL C 947 -13.91 -9.64 -9.38
C VAL C 947 -12.71 -8.70 -9.51
N THR C 948 -11.67 -8.92 -8.70
CA THR C 948 -10.55 -7.98 -8.58
C THR C 948 -9.78 -7.84 -9.91
N SER C 949 -9.28 -6.64 -10.14
CA SER C 949 -8.84 -6.26 -11.47
C SER C 949 -7.48 -6.89 -11.78
N PRO C 950 -7.19 -7.18 -13.05
CA PRO C 950 -5.81 -7.50 -13.45
C PRO C 950 -4.87 -6.32 -13.31
N PHE C 951 -5.40 -5.10 -13.24
CA PHE C 951 -4.60 -3.88 -13.13
C PHE C 951 -4.36 -3.52 -11.67
N LEU C 952 -4.38 -4.52 -10.80
CA LEU C 952 -3.84 -4.40 -9.45
C LEU C 952 -2.71 -5.39 -9.27
N LEU C 953 -2.98 -6.66 -9.57
CA LEU C 953 -1.96 -7.71 -9.61
C LEU C 953 -2.26 -8.70 -10.72
N THR D 66 -33.94 -19.77 -0.01
CA THR D 66 -32.63 -19.23 0.36
C THR D 66 -31.81 -18.89 -0.88
N HIS D 67 -31.82 -19.81 -1.86
CA HIS D 67 -31.02 -19.63 -3.06
C HIS D 67 -31.61 -18.54 -3.96
N ALA D 68 -32.94 -18.43 -3.98
CA ALA D 68 -33.59 -17.51 -4.91
C ALA D 68 -33.44 -16.05 -4.47
N SER D 69 -33.14 -15.81 -3.19
CA SER D 69 -32.97 -14.45 -2.71
C SER D 69 -31.65 -13.84 -3.16
N TYR D 70 -30.63 -14.67 -3.42
CA TYR D 70 -29.32 -14.18 -3.83
C TYR D 70 -28.95 -14.57 -5.26
N GLY D 71 -29.93 -14.99 -6.07
CA GLY D 71 -29.67 -15.28 -7.47
C GLY D 71 -29.20 -14.14 -8.33
N PRO D 72 -29.80 -12.93 -8.23
CA PRO D 72 -29.22 -11.77 -8.92
C PRO D 72 -27.78 -11.47 -8.56
N PHE D 73 -27.40 -11.62 -7.29
CA PHE D 73 -26.00 -11.46 -6.89
C PHE D 73 -25.09 -12.46 -7.59
N TYR D 74 -25.52 -13.74 -7.65
CA TYR D 74 -24.69 -14.79 -8.25
C TYR D 74 -24.52 -14.58 -9.75
N LEU D 75 -25.62 -14.36 -10.47
CA LEU D 75 -25.56 -14.14 -11.91
C LEU D 75 -24.80 -12.86 -12.25
N GLU D 76 -25.01 -11.82 -11.47
CA GLU D 76 -24.51 -10.50 -11.82
C GLU D 76 -23.02 -10.41 -11.53
N TYR D 77 -22.57 -10.99 -10.40
CA TYR D 77 -21.14 -11.09 -10.16
C TYR D 77 -20.46 -12.13 -11.06
N SER D 78 -21.21 -13.11 -11.56
CA SER D 78 -20.68 -14.01 -12.58
C SER D 78 -20.36 -13.25 -13.86
N LEU D 79 -21.26 -12.36 -14.29
CA LEU D 79 -20.99 -11.54 -15.46
C LEU D 79 -19.89 -10.52 -15.23
N LEU D 80 -19.78 -10.00 -14.01
CA LEU D 80 -18.66 -9.14 -13.65
C LEU D 80 -17.32 -9.88 -13.73
N ALA D 81 -17.27 -11.12 -13.24
CA ALA D 81 -16.06 -11.93 -13.35
C ALA D 81 -15.78 -12.32 -14.79
N GLU D 82 -16.83 -12.48 -15.60
CA GLU D 82 -16.64 -12.79 -17.02
C GLU D 82 -16.04 -11.61 -17.77
N PHE D 83 -16.47 -10.39 -17.44
CA PHE D 83 -15.82 -9.22 -18.05
C PHE D 83 -14.37 -9.06 -17.58
N THR D 84 -14.11 -9.41 -16.31
CA THR D 84 -12.73 -9.43 -15.81
C THR D 84 -11.87 -10.44 -16.57
N LEU D 85 -12.42 -11.62 -16.87
CA LEU D 85 -11.64 -12.62 -17.59
C LEU D 85 -11.58 -12.30 -19.08
N VAL D 86 -12.51 -11.48 -19.57
CA VAL D 86 -12.37 -10.89 -20.90
C VAL D 86 -11.17 -9.95 -20.93
N VAL D 87 -10.99 -9.17 -19.87
CA VAL D 87 -9.81 -8.30 -19.74
C VAL D 87 -8.54 -9.14 -19.59
N LYS D 88 -8.64 -10.33 -18.97
CA LYS D 88 -7.51 -11.26 -18.88
C LYS D 88 -6.97 -11.66 -20.25
N GLN D 89 -7.85 -12.12 -21.13
CA GLN D 89 -7.42 -12.64 -22.43
C GLN D 89 -7.19 -11.49 -23.40
N LYS D 90 -6.10 -11.57 -24.17
CA LYS D 90 -5.81 -10.54 -25.16
C LYS D 90 -6.58 -10.82 -26.44
N LEU D 91 -7.23 -9.78 -26.97
CA LEU D 91 -8.01 -9.88 -28.20
C LEU D 91 -7.53 -8.82 -29.17
N PRO D 92 -7.09 -9.20 -30.38
CA PRO D 92 -6.59 -8.20 -31.34
C PRO D 92 -7.69 -7.33 -31.92
N GLY D 93 -7.75 -6.08 -31.49
CA GLY D 93 -8.67 -5.13 -32.06
C GLY D 93 -10.11 -5.25 -31.61
N VAL D 94 -10.38 -6.03 -30.57
CA VAL D 94 -11.72 -6.21 -30.05
C VAL D 94 -11.82 -5.43 -28.74
N TYR D 95 -12.79 -4.53 -28.67
CA TYR D 95 -12.97 -3.63 -27.55
C TYR D 95 -14.39 -3.77 -27.01
N VAL D 96 -14.54 -4.45 -25.88
CA VAL D 96 -15.84 -4.88 -25.37
C VAL D 96 -16.22 -4.01 -24.18
N GLN D 97 -17.52 -3.70 -24.09
CA GLN D 97 -18.03 -2.91 -22.96
C GLN D 97 -19.43 -3.38 -22.54
N PRO D 98 -19.63 -3.68 -21.26
CA PRO D 98 -20.99 -3.99 -20.78
C PRO D 98 -21.83 -2.74 -20.63
N SER D 99 -23.15 -2.92 -20.71
CA SER D 99 -24.08 -1.81 -20.70
C SER D 99 -24.31 -1.28 -19.29
N TYR D 100 -24.90 -0.09 -19.20
CA TYR D 100 -25.24 0.50 -17.91
C TYR D 100 -26.58 -0.01 -17.42
N ARG D 101 -27.64 0.19 -18.21
CA ARG D 101 -29.01 -0.07 -17.80
C ARG D 101 -29.33 -1.55 -17.66
N SER D 102 -28.81 -2.41 -18.54
CA SER D 102 -29.05 -3.83 -18.47
C SER D 102 -27.75 -4.56 -18.18
N ALA D 103 -27.86 -5.65 -17.42
CA ALA D 103 -26.69 -6.46 -17.10
C ALA D 103 -26.39 -7.51 -18.16
N LEU D 104 -27.32 -7.72 -19.10
CA LEU D 104 -27.19 -8.79 -20.09
C LEU D 104 -26.75 -8.30 -21.46
N MET D 105 -26.32 -7.04 -21.57
CA MET D 105 -25.93 -6.46 -22.85
C MET D 105 -24.48 -6.04 -22.79
N TRP D 106 -23.67 -6.53 -23.74
CA TRP D 106 -22.28 -6.13 -23.88
C TRP D 106 -22.08 -5.50 -25.25
N PHE D 107 -21.89 -4.18 -25.27
CA PHE D 107 -21.57 -3.48 -26.51
C PHE D 107 -20.11 -3.74 -26.89
N GLY D 108 -19.80 -3.48 -28.14
CA GLY D 108 -18.42 -3.65 -28.58
C GLY D 108 -18.25 -3.32 -30.05
N VAL D 109 -17.01 -3.46 -30.51
CA VAL D 109 -16.62 -3.16 -31.88
C VAL D 109 -15.36 -3.95 -32.23
N ILE D 110 -15.37 -4.61 -33.39
CA ILE D 110 -14.20 -5.33 -33.90
C ILE D 110 -13.49 -4.44 -34.92
N PHE D 111 -12.17 -4.56 -34.97
CA PHE D 111 -11.37 -4.01 -36.06
C PHE D 111 -10.63 -5.16 -36.73
N ILE D 112 -10.86 -5.34 -38.03
CA ILE D 112 -10.30 -6.47 -38.77
C ILE D 112 -9.01 -6.01 -39.43
N ARG D 113 -7.88 -6.50 -38.93
CA ARG D 113 -6.59 -5.89 -39.22
C ARG D 113 -5.97 -6.33 -40.54
N HIS D 114 -6.33 -7.51 -41.06
CA HIS D 114 -5.94 -7.90 -42.41
C HIS D 114 -6.96 -8.90 -42.92
N GLY D 115 -6.72 -9.40 -44.12
CA GLY D 115 -7.64 -10.31 -44.76
C GLY D 115 -8.58 -9.60 -45.73
N LEU D 116 -9.66 -10.31 -46.06
CA LEU D 116 -10.63 -9.79 -47.02
C LEU D 116 -11.43 -8.62 -46.45
N TYR D 117 -11.66 -8.61 -45.14
CA TYR D 117 -12.42 -7.56 -44.47
C TYR D 117 -11.53 -6.47 -43.88
N GLN D 118 -10.39 -6.19 -44.52
CA GLN D 118 -9.45 -5.20 -44.02
C GLN D 118 -10.06 -3.80 -44.03
N ASP D 119 -9.63 -2.99 -43.05
CA ASP D 119 -10.17 -1.66 -42.75
C ASP D 119 -11.66 -1.69 -42.47
N GLY D 120 -12.15 -2.76 -41.84
CA GLY D 120 -13.57 -2.84 -41.52
C GLY D 120 -13.80 -2.61 -40.03
N VAL D 121 -14.83 -1.82 -39.73
CA VAL D 121 -15.18 -1.45 -38.37
C VAL D 121 -16.61 -1.92 -38.16
N PHE D 122 -16.80 -2.97 -37.37
CA PHE D 122 -18.11 -3.59 -37.14
C PHE D 122 -18.48 -3.46 -35.67
N LYS D 123 -19.44 -2.60 -35.37
CA LYS D 123 -20.03 -2.55 -34.04
C LYS D 123 -20.86 -3.82 -33.81
N PHE D 124 -20.96 -4.23 -32.55
CA PHE D 124 -21.80 -5.36 -32.20
C PHE D 124 -22.45 -5.14 -30.84
N THR D 125 -23.26 -6.11 -30.43
CA THR D 125 -23.86 -6.15 -29.10
C THR D 125 -24.05 -7.61 -28.71
N VAL D 126 -23.45 -8.02 -27.59
CA VAL D 126 -23.53 -9.38 -27.09
C VAL D 126 -24.72 -9.48 -26.15
N TYR D 127 -25.61 -10.45 -26.42
CA TYR D 127 -26.77 -10.70 -25.57
C TYR D 127 -26.51 -11.92 -24.71
N ILE D 128 -26.53 -11.73 -23.40
CA ILE D 128 -26.27 -12.79 -22.43
C ILE D 128 -27.62 -13.33 -21.96
N PRO D 129 -27.81 -14.66 -21.92
CA PRO D 129 -29.07 -15.21 -21.39
C PRO D 129 -29.24 -14.93 -19.90
N ASP D 130 -30.49 -14.95 -19.45
CA ASP D 130 -30.83 -14.56 -18.10
C ASP D 130 -30.46 -15.62 -17.06
N ASN D 131 -30.08 -16.82 -17.52
CA ASN D 131 -29.66 -17.87 -16.61
C ASN D 131 -28.24 -18.33 -16.90
N TYR D 132 -27.32 -17.39 -17.10
CA TYR D 132 -25.92 -17.73 -17.33
C TYR D 132 -25.31 -18.32 -16.07
N PRO D 133 -24.50 -19.39 -16.17
CA PRO D 133 -24.09 -20.13 -17.37
C PRO D 133 -24.98 -21.31 -17.73
N ASP D 134 -26.03 -21.58 -16.95
CA ASP D 134 -26.89 -22.74 -17.21
C ASP D 134 -27.92 -22.38 -18.27
N GLY D 135 -27.45 -22.31 -19.51
CA GLY D 135 -28.29 -21.92 -20.61
C GLY D 135 -27.63 -22.14 -21.95
N ASP D 136 -28.02 -21.33 -22.92
CA ASP D 136 -27.53 -21.48 -24.28
C ASP D 136 -26.23 -20.68 -24.46
N CYS D 137 -25.71 -20.76 -25.68
CA CYS D 137 -24.62 -19.88 -26.10
C CYS D 137 -25.13 -18.44 -26.15
N PRO D 138 -24.30 -17.46 -25.78
CA PRO D 138 -24.70 -16.06 -25.94
C PRO D 138 -24.93 -15.68 -27.40
N ARG D 139 -25.94 -14.83 -27.61
CA ARG D 139 -26.34 -14.40 -28.94
C ARG D 139 -25.59 -13.14 -29.29
N LEU D 140 -25.06 -13.08 -30.51
CA LEU D 140 -24.30 -11.93 -30.98
C LEU D 140 -24.91 -11.41 -32.27
N VAL D 141 -25.25 -10.12 -32.27
CA VAL D 141 -25.78 -9.44 -33.44
C VAL D 141 -24.84 -8.28 -33.78
N PHE D 142 -24.90 -7.83 -35.03
CA PHE D 142 -24.12 -6.67 -35.46
C PHE D 142 -25.04 -5.46 -35.63
N ASP D 143 -24.43 -4.27 -35.56
CA ASP D 143 -25.19 -3.04 -35.73
C ASP D 143 -25.67 -2.88 -37.16
N ILE D 144 -24.79 -3.10 -38.12
CA ILE D 144 -25.12 -3.09 -39.54
C ILE D 144 -24.81 -4.48 -40.09
N PRO D 145 -25.75 -5.11 -40.84
CA PRO D 145 -25.51 -6.47 -41.33
C PRO D 145 -24.35 -6.58 -42.32
N VAL D 146 -23.28 -7.23 -41.86
CA VAL D 146 -22.08 -7.37 -42.67
C VAL D 146 -22.29 -8.45 -43.72
N PHE D 147 -21.81 -8.19 -44.93
CA PHE D 147 -21.98 -9.13 -46.03
C PHE D 147 -20.97 -10.26 -45.78
N HIS D 148 -21.42 -11.28 -45.04
CA HIS D 148 -20.66 -12.42 -44.59
C HIS D 148 -21.60 -13.61 -44.73
N PRO D 149 -21.09 -14.81 -45.01
CA PRO D 149 -21.97 -15.99 -45.09
C PRO D 149 -22.70 -16.34 -43.81
N LEU D 150 -22.21 -15.94 -42.64
CA LEU D 150 -22.82 -16.31 -41.37
C LEU D 150 -23.46 -15.14 -40.65
N VAL D 151 -23.73 -14.03 -41.34
CA VAL D 151 -24.35 -12.86 -40.74
C VAL D 151 -25.71 -12.68 -41.38
N ASP D 152 -26.75 -12.52 -40.56
CA ASP D 152 -28.12 -12.30 -41.01
C ASP D 152 -28.20 -10.99 -41.77
N PRO D 153 -28.66 -11.00 -43.04
CA PRO D 153 -28.71 -9.75 -43.81
C PRO D 153 -29.76 -8.74 -43.35
N THR D 154 -30.69 -9.13 -42.49
CA THR D 154 -31.72 -8.19 -42.03
C THR D 154 -31.66 -7.90 -40.54
N SER D 155 -31.09 -8.79 -39.73
CA SER D 155 -30.98 -8.55 -38.29
C SER D 155 -29.55 -8.41 -37.82
N GLY D 156 -28.59 -8.95 -38.55
CA GLY D 156 -27.19 -8.83 -38.18
C GLY D 156 -26.68 -9.88 -37.22
N GLU D 157 -27.46 -10.93 -36.95
CA GLU D 157 -27.04 -11.94 -35.98
C GLU D 157 -26.00 -12.88 -36.60
N LEU D 158 -24.85 -12.99 -35.96
CA LEU D 158 -23.84 -13.96 -36.37
C LEU D 158 -24.21 -15.33 -35.84
N ASP D 159 -23.94 -16.36 -36.64
CA ASP D 159 -24.22 -17.74 -36.24
C ASP D 159 -23.11 -18.25 -35.33
N VAL D 160 -23.23 -17.90 -34.05
CA VAL D 160 -22.21 -18.27 -33.06
C VAL D 160 -22.42 -19.71 -32.60
N LYS D 161 -23.65 -20.22 -32.71
CA LYS D 161 -24.01 -21.48 -32.06
C LYS D 161 -23.47 -22.71 -32.78
N ARG D 162 -22.87 -22.55 -33.97
CA ARG D 162 -22.33 -23.72 -34.66
C ARG D 162 -21.11 -24.27 -33.95
N ALA D 163 -20.23 -23.39 -33.47
CA ALA D 163 -19.05 -23.85 -32.75
C ALA D 163 -19.37 -24.20 -31.31
N PHE D 164 -20.07 -23.31 -30.60
CA PHE D 164 -20.50 -23.57 -29.23
C PHE D 164 -21.92 -24.14 -29.25
N ALA D 165 -22.01 -25.43 -29.55
CA ALA D 165 -23.30 -26.10 -29.60
C ALA D 165 -23.88 -26.28 -28.20
N LYS D 166 -23.06 -26.72 -27.25
CA LYS D 166 -23.49 -26.90 -25.87
C LYS D 166 -22.62 -26.03 -24.98
N TRP D 167 -23.26 -25.20 -24.15
CA TRP D 167 -22.55 -24.30 -23.24
C TRP D 167 -22.23 -25.07 -21.96
N ARG D 168 -21.06 -25.69 -21.95
CA ARG D 168 -20.60 -26.43 -20.79
C ARG D 168 -20.18 -25.47 -19.68
N ARG D 169 -20.55 -25.80 -18.45
CA ARG D 169 -20.17 -24.98 -17.29
C ARG D 169 -18.67 -25.08 -17.04
N ASN D 170 -18.06 -23.93 -16.74
CA ASN D 170 -16.64 -23.73 -16.40
C ASN D 170 -15.69 -24.02 -17.56
N HIS D 171 -16.20 -24.36 -18.73
CA HIS D 171 -15.35 -24.55 -19.91
C HIS D 171 -15.45 -23.36 -20.85
N ASN D 172 -16.67 -23.04 -21.29
CA ASN D 172 -16.88 -21.97 -22.24
C ASN D 172 -17.06 -20.64 -21.52
N HIS D 173 -16.63 -19.57 -22.18
CA HIS D 173 -16.76 -18.22 -21.65
C HIS D 173 -17.07 -17.27 -22.80
N ILE D 174 -17.42 -16.03 -22.45
CA ILE D 174 -17.88 -15.08 -23.45
C ILE D 174 -16.72 -14.55 -24.29
N TRP D 175 -15.49 -14.59 -23.75
CA TRP D 175 -14.33 -14.19 -24.55
C TRP D 175 -14.08 -15.17 -25.68
N GLN D 176 -14.48 -16.44 -25.50
CA GLN D 176 -14.42 -17.39 -26.61
C GLN D 176 -15.41 -17.05 -27.70
N VAL D 177 -16.58 -16.50 -27.33
CA VAL D 177 -17.54 -16.01 -28.31
C VAL D 177 -16.97 -14.82 -29.07
N LEU D 178 -16.30 -13.91 -28.36
CA LEU D 178 -15.66 -12.76 -29.01
C LEU D 178 -14.50 -13.19 -29.91
N MET D 179 -13.75 -14.21 -29.48
CA MET D 179 -12.64 -14.72 -30.28
C MET D 179 -13.15 -15.40 -31.54
N TYR D 180 -14.25 -16.15 -31.44
CA TYR D 180 -14.87 -16.75 -32.63
C TYR D 180 -15.44 -15.68 -33.55
N ALA D 181 -15.96 -14.59 -32.97
CA ALA D 181 -16.46 -13.47 -33.77
C ALA D 181 -15.35 -12.79 -34.55
N ARG D 182 -14.16 -12.62 -33.95
CA ARG D 182 -13.02 -12.11 -34.70
C ARG D 182 -12.56 -13.13 -35.75
N ARG D 183 -12.53 -14.41 -35.38
CA ARG D 183 -11.94 -15.43 -36.24
C ARG D 183 -12.85 -15.78 -37.42
N VAL D 184 -14.14 -15.43 -37.36
CA VAL D 184 -15.04 -15.74 -38.46
C VAL D 184 -14.78 -14.84 -39.68
N PHE D 185 -14.08 -13.71 -39.48
CA PHE D 185 -13.69 -12.87 -40.60
C PHE D 185 -12.32 -13.23 -41.18
N TYR D 186 -11.62 -14.19 -40.56
CA TYR D 186 -10.34 -14.65 -41.06
C TYR D 186 -10.39 -16.07 -41.58
N LYS D 187 -11.55 -16.73 -41.50
CA LYS D 187 -11.74 -18.06 -42.08
C LYS D 187 -13.21 -18.16 -42.50
N ILE D 188 -13.46 -17.92 -43.79
CA ILE D 188 -14.82 -17.92 -44.29
C ILE D 188 -15.28 -19.35 -44.53
N ASP D 189 -16.39 -19.72 -43.91
CA ASP D 189 -16.97 -21.06 -44.05
C ASP D 189 -18.34 -20.95 -44.69
N THR D 190 -18.60 -21.76 -45.70
CA THR D 190 -19.85 -21.71 -46.44
C THR D 190 -20.79 -22.85 -46.13
N ALA D 191 -20.48 -23.70 -45.15
CA ALA D 191 -21.29 -24.88 -44.89
C ALA D 191 -22.55 -24.50 -44.11
N SER D 192 -23.71 -24.77 -44.74
CA SER D 192 -25.03 -24.51 -44.17
C SER D 192 -25.22 -23.07 -43.69
N PRO D 193 -25.34 -22.11 -44.61
CA PRO D 193 -25.29 -20.70 -44.21
C PRO D 193 -26.54 -20.01 -43.68
N LEU D 194 -26.36 -18.71 -43.45
CA LEU D 194 -27.43 -17.79 -43.09
C LEU D 194 -27.68 -16.75 -44.16
N ASN D 195 -26.64 -16.37 -44.91
CA ASN D 195 -26.76 -15.54 -46.12
C ASN D 195 -26.23 -16.39 -47.25
N PRO D 196 -27.13 -17.02 -48.04
CA PRO D 196 -26.65 -17.97 -49.06
C PRO D 196 -25.96 -17.32 -50.24
N GLU D 197 -26.34 -16.09 -50.58
CA GLU D 197 -25.73 -15.42 -51.72
C GLU D 197 -24.27 -15.07 -51.42
N ALA D 198 -23.96 -14.82 -50.14
CA ALA D 198 -22.58 -14.60 -49.73
C ALA D 198 -21.74 -15.86 -49.89
N ALA D 199 -22.32 -17.03 -49.55
CA ALA D 199 -21.60 -18.29 -49.70
C ALA D 199 -21.34 -18.59 -51.17
N VAL D 200 -22.37 -18.45 -52.01
CA VAL D 200 -22.20 -18.81 -53.41
C VAL D 200 -21.39 -17.75 -54.15
N LEU D 201 -21.27 -16.55 -53.58
CA LEU D 201 -20.28 -15.61 -54.07
C LEU D 201 -18.89 -15.97 -53.55
N TYR D 202 -18.81 -16.75 -52.47
CA TYR D 202 -17.49 -17.10 -51.97
C TYR D 202 -16.84 -18.20 -52.79
N GLU D 203 -17.54 -19.31 -53.08
CA GLU D 203 -16.75 -20.36 -53.74
C GLU D 203 -16.88 -20.32 -55.26
N LYS D 204 -17.60 -19.35 -55.82
CA LYS D 204 -17.72 -19.24 -57.27
C LYS D 204 -17.08 -17.98 -57.84
N ASP D 205 -17.52 -16.80 -57.39
CA ASP D 205 -17.10 -15.55 -58.00
C ASP D 205 -16.53 -14.64 -56.92
N ILE D 206 -15.22 -14.77 -56.70
CA ILE D 206 -14.58 -14.16 -55.53
C ILE D 206 -14.40 -12.65 -55.68
N GLN D 207 -14.28 -12.14 -56.92
CA GLN D 207 -14.00 -10.71 -57.09
C GLN D 207 -15.25 -9.86 -56.84
N LEU D 208 -16.42 -10.37 -57.24
CA LEU D 208 -17.67 -9.71 -56.90
C LEU D 208 -17.90 -9.74 -55.39
N PHE D 209 -17.45 -10.82 -54.73
CA PHE D 209 -17.54 -10.91 -53.29
C PHE D 209 -16.65 -9.85 -52.63
N LYS D 210 -15.42 -9.67 -53.13
CA LYS D 210 -14.52 -8.66 -52.57
C LYS D 210 -15.04 -7.24 -52.81
N SER D 211 -15.67 -7.00 -53.97
CA SER D 211 -16.30 -5.71 -54.23
C SER D 211 -17.45 -5.45 -53.26
N LYS D 212 -18.25 -6.48 -52.98
CA LYS D 212 -19.37 -6.30 -52.07
C LYS D 212 -18.91 -6.18 -50.63
N VAL D 213 -17.78 -6.80 -50.29
CA VAL D 213 -17.14 -6.59 -48.99
C VAL D 213 -16.68 -5.13 -48.84
N VAL D 214 -16.05 -4.58 -49.88
CA VAL D 214 -15.60 -3.19 -49.83
C VAL D 214 -16.79 -2.24 -49.71
N ASP D 215 -17.85 -2.51 -50.47
CA ASP D 215 -19.07 -1.70 -50.40
C ASP D 215 -19.73 -1.77 -49.02
N SER D 216 -19.81 -2.97 -48.43
CA SER D 216 -20.41 -3.12 -47.12
C SER D 216 -19.54 -2.51 -46.02
N VAL D 217 -18.22 -2.53 -46.22
CA VAL D 217 -17.31 -1.87 -45.29
C VAL D 217 -17.52 -0.36 -45.30
N LYS D 218 -17.71 0.22 -46.50
CA LYS D 218 -18.04 1.65 -46.57
C LYS D 218 -19.40 1.96 -45.95
N VAL D 219 -20.38 1.06 -46.14
CA VAL D 219 -21.70 1.25 -45.53
C VAL D 219 -21.62 1.20 -44.01
N CYS D 220 -20.84 0.26 -43.47
CA CYS D 220 -20.64 0.18 -42.03
C CYS D 220 -19.86 1.38 -41.50
N THR D 221 -18.89 1.86 -42.27
CA THR D 221 -18.05 2.98 -41.83
C THR D 221 -18.84 4.29 -41.85
N ALA D 222 -19.79 4.44 -42.78
CA ALA D 222 -20.55 5.67 -42.89
C ALA D 222 -21.52 5.85 -41.72
N ARG D 223 -21.93 4.75 -41.09
CA ARG D 223 -22.91 4.82 -40.00
C ARG D 223 -22.28 4.73 -38.63
N LEU D 224 -20.95 4.85 -38.52
CA LEU D 224 -20.27 4.72 -37.23
C LEU D 224 -20.57 5.90 -36.32
N PHE D 225 -20.70 7.09 -36.90
CA PHE D 225 -20.69 8.32 -36.12
C PHE D 225 -22.07 8.72 -35.62
N ASP D 226 -23.08 7.87 -35.82
CA ASP D 226 -24.46 8.22 -35.55
C ASP D 226 -24.82 7.98 -34.09
N GLN D 227 -26.06 8.32 -33.76
CA GLN D 227 -26.64 7.95 -32.48
C GLN D 227 -26.90 6.45 -32.53
N PRO D 228 -26.31 5.65 -31.62
CA PRO D 228 -26.29 4.18 -31.79
C PRO D 228 -27.66 3.52 -31.73
N LYS D 229 -27.68 2.23 -32.06
CA LYS D 229 -28.93 1.50 -32.20
C LYS D 229 -29.66 1.34 -30.88
N ILE D 230 -28.94 1.00 -29.81
CA ILE D 230 -29.51 0.89 -28.48
C ILE D 230 -29.02 2.07 -27.67
N GLU D 231 -29.95 2.92 -27.23
CA GLU D 231 -29.60 4.07 -26.41
C GLU D 231 -29.24 3.61 -25.01
N ASP D 232 -28.09 4.08 -24.51
CA ASP D 232 -27.55 3.65 -23.24
C ASP D 232 -26.54 4.70 -22.83
N PRO D 233 -26.41 4.98 -21.52
CA PRO D 233 -25.34 5.89 -21.06
C PRO D 233 -23.94 5.36 -21.31
N TYR D 234 -23.77 4.05 -21.49
CA TYR D 234 -22.47 3.45 -21.79
C TYR D 234 -22.34 3.04 -23.25
N ALA D 235 -23.18 3.58 -24.13
CA ALA D 235 -23.12 3.21 -25.54
C ALA D 235 -21.86 3.78 -26.19
N ILE D 236 -21.25 2.98 -27.07
CA ILE D 236 -20.04 3.42 -27.76
C ILE D 236 -20.44 4.42 -28.84
N SER D 237 -20.03 5.68 -28.66
CA SER D 237 -20.40 6.78 -29.57
C SER D 237 -19.12 7.50 -29.98
N PHE D 238 -18.78 7.39 -31.26
CA PHE D 238 -17.62 8.09 -31.79
C PHE D 238 -17.94 9.56 -32.06
N SER D 239 -16.90 10.37 -32.12
CA SER D 239 -16.98 11.79 -32.47
C SER D 239 -16.03 12.04 -33.62
N PRO D 240 -16.30 13.03 -34.47
CA PRO D 240 -15.32 13.41 -35.50
C PRO D 240 -14.01 13.89 -34.90
N TRP D 241 -12.92 13.64 -35.62
CA TRP D 241 -11.59 13.90 -35.10
C TRP D 241 -11.33 15.40 -34.99
N ASN D 242 -11.25 15.88 -33.76
CA ASN D 242 -10.92 17.28 -33.49
C ASN D 242 -9.65 17.23 -32.65
N PRO D 243 -8.50 17.56 -33.25
CA PRO D 243 -7.22 17.31 -32.57
C PRO D 243 -6.96 18.16 -31.34
N SER D 244 -7.65 19.29 -31.21
CA SER D 244 -7.37 20.25 -30.13
C SER D 244 -7.71 19.70 -28.75
N VAL D 245 -8.63 18.76 -28.65
CA VAL D 245 -8.98 18.18 -27.36
C VAL D 245 -8.61 16.70 -27.37
N HIS D 246 -8.63 16.10 -28.57
CA HIS D 246 -8.29 14.68 -28.67
C HIS D 246 -6.81 14.42 -28.49
N ASP D 247 -5.96 15.43 -28.72
CA ASP D 247 -4.55 15.27 -28.39
C ASP D 247 -4.33 15.25 -26.88
N GLU D 248 -5.11 16.06 -26.15
CA GLU D 248 -5.11 15.99 -24.69
C GLU D 248 -5.64 14.65 -24.21
N ALA D 249 -6.66 14.11 -24.89
CA ALA D 249 -7.15 12.77 -24.56
C ALA D 249 -6.11 11.69 -24.83
N ARG D 250 -5.35 11.83 -25.92
CA ARG D 250 -4.33 10.84 -26.27
C ARG D 250 -3.15 10.90 -25.31
N GLU D 251 -2.76 12.10 -24.86
CA GLU D 251 -1.69 12.17 -23.87
C GLU D 251 -2.20 11.74 -22.50
N LYS D 252 -3.51 11.86 -22.25
CA LYS D 252 -4.08 11.32 -21.02
C LYS D 252 -4.15 9.81 -21.05
N MET D 253 -4.23 9.19 -22.25
CA MET D 253 -3.89 7.78 -22.37
C MET D 253 -2.44 7.53 -21.99
N LEU D 254 -1.52 8.18 -22.72
CA LEU D 254 -0.16 7.70 -22.76
C LEU D 254 0.66 8.07 -21.53
N THR D 255 0.20 9.05 -20.74
CA THR D 255 0.92 9.37 -19.51
C THR D 255 0.63 8.38 -18.39
N GLN D 256 -0.42 7.58 -18.50
CA GLN D 256 -0.70 6.57 -17.48
C GLN D 256 0.28 5.41 -17.61
N LYS D 257 0.57 4.79 -16.46
CA LYS D 257 1.55 3.72 -16.37
C LYS D 257 0.99 2.59 -15.51
N LYS D 258 1.87 1.67 -15.12
CA LYS D 258 1.56 0.54 -14.25
C LYS D 258 1.26 1.02 -12.84
N PRO D 259 0.58 0.21 -12.01
CA PRO D 259 0.34 0.61 -10.61
C PRO D 259 1.59 0.75 -9.76
N GLU D 260 2.74 0.24 -10.20
CA GLU D 260 4.01 0.58 -9.58
C GLU D 260 4.26 2.08 -9.73
N GLU D 261 4.56 2.74 -8.60
CA GLU D 261 4.68 4.20 -8.49
C GLU D 261 3.43 4.92 -8.97
N GLN D 262 2.26 4.48 -8.51
CA GLN D 262 1.00 5.10 -8.90
C GLN D 262 0.85 6.45 -8.22
N HIS D 263 -0.07 7.28 -8.74
CA HIS D 263 -0.30 8.63 -8.23
C HIS D 263 -0.90 8.66 -6.83
N ASN D 264 -1.37 7.53 -6.29
CA ASN D 264 -1.85 7.48 -4.91
C ASN D 264 -0.68 7.42 -3.93
N LYS D 265 0.10 8.50 -3.85
CA LYS D 265 1.25 8.54 -2.95
C LYS D 265 0.85 8.87 -1.52
N SER D 266 -0.36 9.39 -1.31
CA SER D 266 -0.91 9.51 0.04
C SER D 266 -1.44 8.15 0.48
N VAL D 267 -1.75 8.07 1.79
CA VAL D 267 -2.18 6.88 2.52
C VAL D 267 -1.12 5.78 2.43
N HIS D 268 -0.38 5.59 3.52
CA HIS D 268 0.75 4.66 3.54
C HIS D 268 0.25 3.22 3.57
N VAL D 269 -0.08 2.71 2.38
CA VAL D 269 -0.39 1.31 2.21
C VAL D 269 0.93 0.60 1.91
N ALA D 270 1.67 0.26 2.96
CA ALA D 270 3.01 -0.28 2.81
C ALA D 270 3.07 -1.71 3.33
N GLY D 271 3.44 -2.63 2.46
CA GLY D 271 3.73 -3.99 2.87
C GLY D 271 5.16 -4.14 3.34
N LEU D 272 5.44 -5.31 3.90
CA LEU D 272 6.77 -5.64 4.39
C LEU D 272 7.12 -7.05 3.98
N SER D 273 8.38 -7.27 3.64
CA SER D 273 8.87 -8.60 3.32
C SER D 273 10.36 -8.67 3.60
N TRP D 274 10.79 -9.79 4.18
CA TRP D 274 12.21 -10.01 4.42
C TRP D 274 12.63 -11.45 4.14
N VAL D 275 11.95 -12.13 3.22
CA VAL D 275 12.29 -13.51 2.87
C VAL D 275 12.99 -13.49 1.52
N LYS D 276 14.08 -14.26 1.40
CA LYS D 276 14.72 -14.45 0.11
C LYS D 276 13.78 -15.22 -0.81
N PRO D 277 13.56 -14.75 -2.04
CA PRO D 277 12.70 -15.49 -2.98
C PRO D 277 13.27 -16.85 -3.33
N GLY D 278 12.37 -17.83 -3.46
CA GLY D 278 12.78 -19.21 -3.59
C GLY D 278 13.00 -19.93 -2.27
N SER D 279 12.87 -19.24 -1.14
CA SER D 279 13.04 -19.81 0.18
C SER D 279 11.78 -19.63 1.01
N VAL D 280 11.59 -20.52 1.99
CA VAL D 280 10.40 -20.46 2.83
C VAL D 280 10.71 -20.05 4.27
N GLN D 281 11.97 -19.76 4.58
CA GLN D 281 12.33 -19.38 5.95
C GLN D 281 12.25 -17.86 6.10
N PRO D 282 11.69 -17.37 7.21
CA PRO D 282 11.63 -15.92 7.41
C PRO D 282 12.99 -15.32 7.73
N PHE D 283 13.14 -14.04 7.41
CA PHE D 283 14.35 -13.23 7.62
C PHE D 283 15.58 -13.83 6.94
N SER D 284 15.42 -14.30 5.71
CA SER D 284 16.55 -14.82 4.93
C SER D 284 17.01 -13.84 3.86
N LYS D 285 16.35 -12.71 3.70
CA LYS D 285 16.77 -11.70 2.74
C LYS D 285 18.00 -10.97 3.25
N GLU D 286 19.00 -10.84 2.39
CA GLU D 286 20.27 -10.23 2.79
C GLU D 286 20.11 -8.72 2.98
N GLU D 287 20.85 -8.20 3.96
CA GLU D 287 20.63 -6.82 4.40
C GLU D 287 21.23 -5.80 3.45
#